data_1VKU
# 
_entry.id   1VKU 
# 
_audit_conform.dict_name       mmcif_pdbx.dic 
_audit_conform.dict_version    5.397 
_audit_conform.dict_location   http://mmcif.pdb.org/dictionaries/ascii/mmcif_pdbx.dic 
# 
loop_
_database_2.database_id 
_database_2.database_code 
_database_2.pdbx_database_accession 
_database_2.pdbx_DOI 
PDB   1VKU         pdb_00001vku 10.2210/pdb1vku/pdb 
RCSB  RCSB001961   ?            ?                   
WWPDB D_1000001961 ?            ?                   
# 
loop_
_pdbx_audit_revision_history.ordinal 
_pdbx_audit_revision_history.data_content_type 
_pdbx_audit_revision_history.major_revision 
_pdbx_audit_revision_history.minor_revision 
_pdbx_audit_revision_history.revision_date 
1 'Structure model' 1 0 2004-08-17 
2 'Structure model' 1 1 2008-04-26 
3 'Structure model' 1 2 2011-07-13 
4 'Structure model' 1 3 2017-10-04 
5 'Structure model' 1 4 2023-01-25 
6 'Structure model' 1 5 2024-10-30 
# 
_pdbx_audit_revision_details.ordinal             1 
_pdbx_audit_revision_details.revision_ordinal    1 
_pdbx_audit_revision_details.data_content_type   'Structure model' 
_pdbx_audit_revision_details.provider            repository 
_pdbx_audit_revision_details.type                'Initial release' 
_pdbx_audit_revision_details.description         ? 
_pdbx_audit_revision_details.details             ? 
# 
loop_
_pdbx_audit_revision_group.ordinal 
_pdbx_audit_revision_group.revision_ordinal 
_pdbx_audit_revision_group.data_content_type 
_pdbx_audit_revision_group.group 
1 2 'Structure model' 'Version format compliance' 
2 3 'Structure model' Advisory                    
3 3 'Structure model' 'Source and taxonomy'       
4 3 'Structure model' 'Version format compliance' 
5 4 'Structure model' 'Refinement description'    
6 5 'Structure model' 'Database references'       
7 5 'Structure model' 'Derived calculations'      
8 6 'Structure model' 'Data collection'           
9 6 'Structure model' 'Structure summary'         
# 
loop_
_pdbx_audit_revision_category.ordinal 
_pdbx_audit_revision_category.revision_ordinal 
_pdbx_audit_revision_category.data_content_type 
_pdbx_audit_revision_category.category 
1 4 'Structure model' software                  
2 5 'Structure model' database_2                
3 5 'Structure model' struct_conn               
4 5 'Structure model' struct_ref_seq_dif        
5 6 'Structure model' chem_comp_atom            
6 6 'Structure model' chem_comp_bond            
7 6 'Structure model' pdbx_entry_details        
8 6 'Structure model' pdbx_modification_feature 
# 
loop_
_pdbx_audit_revision_item.ordinal 
_pdbx_audit_revision_item.revision_ordinal 
_pdbx_audit_revision_item.data_content_type 
_pdbx_audit_revision_item.item 
1 5 'Structure model' '_database_2.pdbx_DOI'                
2 5 'Structure model' '_database_2.pdbx_database_accession' 
3 5 'Structure model' '_struct_conn.pdbx_leaving_atom_flag' 
4 5 'Structure model' '_struct_ref_seq_dif.details'         
# 
_pdbx_database_status.entry_id                        1VKU 
_pdbx_database_status.status_code                     REL 
_pdbx_database_status.deposit_site                    RCSB 
_pdbx_database_status.process_site                    RCSB 
_pdbx_database_status.recvd_initial_deposition_date   2004-06-18 
_pdbx_database_status.SG_entry                        Y 
_pdbx_database_status.status_code_sf                  REL 
_pdbx_database_status.pdb_format_compatible           Y 
_pdbx_database_status.status_code_mr                  ? 
_pdbx_database_status.status_code_cs                  ? 
_pdbx_database_status.methods_development_category    ? 
_pdbx_database_status.status_code_nmr_data            ? 
# 
_pdbx_database_related.db_name        TargetDB 
_pdbx_database_related.db_id          282055 
_pdbx_database_related.details        . 
_pdbx_database_related.content_type   unspecified 
# 
_audit_author.name           'Joint Center for Structural Genomics (JCSG)' 
_audit_author.pdbx_ordinal   1 
# 
_citation.id                        primary 
_citation.title                     
'Crystal structure of Acyl carrier protein (TM0175) from Thermotoga maritima at 2.00 A resolution' 
_citation.journal_abbrev            'To be published' 
_citation.journal_volume            ? 
_citation.page_first                ? 
_citation.page_last                 ? 
_citation.year                      ? 
_citation.journal_id_ASTM           ? 
_citation.country                   ? 
_citation.journal_id_ISSN           ? 
_citation.journal_id_CSD            0353 
_citation.book_publisher            ? 
_citation.pdbx_database_id_PubMed   ? 
_citation.pdbx_database_id_DOI      ? 
# 
_citation_author.citation_id        primary 
_citation_author.name               'Joint Center for Structural Genomics (JCSG)' 
_citation_author.ordinal            1 
_citation_author.identifier_ORCID   ? 
# 
loop_
_entity.id 
_entity.type 
_entity.src_method 
_entity.pdbx_description 
_entity.formula_weight 
_entity.pdbx_number_of_molecules 
_entity.pdbx_ec 
_entity.pdbx_mutation 
_entity.pdbx_fragment 
_entity.details 
1 polymer man 'acyl carrier protein' 11947.966 1  ? ? ? ? 
2 water   nat water                  18.015    45 ? ? ? ? 
# 
_entity_poly.entity_id                      1 
_entity_poly.type                           'polypeptide(L)' 
_entity_poly.nstd_linkage                   no 
_entity_poly.nstd_monomer                   yes 
_entity_poly.pdbx_seq_one_letter_code       
;(MSE)GSDKIHHHHHH(MSE)ERKKLIAKFVEIASEK(MSE)GKDLETVDEENTFKELGFDSIDVIDLV(MSE)FFEDEF
ALRIEDEEISKIRKVKDLIDIVIKKLEEIDDEVSEG
;
_entity_poly.pdbx_seq_one_letter_code_can   
;MGSDKIHHHHHHMERKKLIAKFVEIASEKMGKDLETVDEENTFKELGFDSIDVIDLVMFFEDEFALRIEDEEISKIRKVK
DLIDIVIKKLEEIDDEVSEG
;
_entity_poly.pdbx_strand_id                 A 
_entity_poly.pdbx_target_identifier         282055 
# 
_pdbx_entity_nonpoly.entity_id   2 
_pdbx_entity_nonpoly.name        water 
_pdbx_entity_nonpoly.comp_id     HOH 
# 
loop_
_entity_poly_seq.entity_id 
_entity_poly_seq.num 
_entity_poly_seq.mon_id 
_entity_poly_seq.hetero 
1 1   MSE n 
1 2   GLY n 
1 3   SER n 
1 4   ASP n 
1 5   LYS n 
1 6   ILE n 
1 7   HIS n 
1 8   HIS n 
1 9   HIS n 
1 10  HIS n 
1 11  HIS n 
1 12  HIS n 
1 13  MSE n 
1 14  GLU n 
1 15  ARG n 
1 16  LYS n 
1 17  LYS n 
1 18  LEU n 
1 19  ILE n 
1 20  ALA n 
1 21  LYS n 
1 22  PHE n 
1 23  VAL n 
1 24  GLU n 
1 25  ILE n 
1 26  ALA n 
1 27  SER n 
1 28  GLU n 
1 29  LYS n 
1 30  MSE n 
1 31  GLY n 
1 32  LYS n 
1 33  ASP n 
1 34  LEU n 
1 35  GLU n 
1 36  THR n 
1 37  VAL n 
1 38  ASP n 
1 39  GLU n 
1 40  GLU n 
1 41  ASN n 
1 42  THR n 
1 43  PHE n 
1 44  LYS n 
1 45  GLU n 
1 46  LEU n 
1 47  GLY n 
1 48  PHE n 
1 49  ASP n 
1 50  SER n 
1 51  ILE n 
1 52  ASP n 
1 53  VAL n 
1 54  ILE n 
1 55  ASP n 
1 56  LEU n 
1 57  VAL n 
1 58  MSE n 
1 59  PHE n 
1 60  PHE n 
1 61  GLU n 
1 62  ASP n 
1 63  GLU n 
1 64  PHE n 
1 65  ALA n 
1 66  LEU n 
1 67  ARG n 
1 68  ILE n 
1 69  GLU n 
1 70  ASP n 
1 71  GLU n 
1 72  GLU n 
1 73  ILE n 
1 74  SER n 
1 75  LYS n 
1 76  ILE n 
1 77  ARG n 
1 78  LYS n 
1 79  VAL n 
1 80  LYS n 
1 81  ASP n 
1 82  LEU n 
1 83  ILE n 
1 84  ASP n 
1 85  ILE n 
1 86  VAL n 
1 87  ILE n 
1 88  LYS n 
1 89  LYS n 
1 90  LEU n 
1 91  GLU n 
1 92  GLU n 
1 93  ILE n 
1 94  ASP n 
1 95  ASP n 
1 96  GLU n 
1 97  VAL n 
1 98  SER n 
1 99  GLU n 
1 100 GLY n 
# 
_entity_src_gen.entity_id                          1 
_entity_src_gen.pdbx_src_id                        1 
_entity_src_gen.pdbx_alt_source_flag               sample 
_entity_src_gen.pdbx_seq_type                      ? 
_entity_src_gen.pdbx_beg_seq_num                   ? 
_entity_src_gen.pdbx_end_seq_num                   ? 
_entity_src_gen.gene_src_common_name               ? 
_entity_src_gen.gene_src_genus                     Thermotoga 
_entity_src_gen.pdbx_gene_src_gene                 TM0175 
_entity_src_gen.gene_src_species                   'Thermotoga maritima' 
_entity_src_gen.gene_src_strain                    MSB8 
_entity_src_gen.gene_src_tissue                    ? 
_entity_src_gen.gene_src_tissue_fraction           ? 
_entity_src_gen.gene_src_details                   ? 
_entity_src_gen.pdbx_gene_src_fragment             ? 
_entity_src_gen.pdbx_gene_src_scientific_name      'Thermotoga maritima' 
_entity_src_gen.pdbx_gene_src_ncbi_taxonomy_id     243274 
_entity_src_gen.pdbx_gene_src_variant              ? 
_entity_src_gen.pdbx_gene_src_cell_line            ? 
_entity_src_gen.pdbx_gene_src_atcc                 ? 
_entity_src_gen.pdbx_gene_src_organ                ? 
_entity_src_gen.pdbx_gene_src_organelle            ? 
_entity_src_gen.pdbx_gene_src_cell                 ? 
_entity_src_gen.pdbx_gene_src_cellular_location    ? 
_entity_src_gen.host_org_common_name               ? 
_entity_src_gen.pdbx_host_org_scientific_name      'Escherichia coli' 
_entity_src_gen.pdbx_host_org_ncbi_taxonomy_id     562 
_entity_src_gen.host_org_genus                     Escherichia 
_entity_src_gen.pdbx_host_org_gene                 ? 
_entity_src_gen.pdbx_host_org_organ                ? 
_entity_src_gen.host_org_species                   ? 
_entity_src_gen.pdbx_host_org_tissue               ? 
_entity_src_gen.pdbx_host_org_tissue_fraction      ? 
_entity_src_gen.pdbx_host_org_strain               ? 
_entity_src_gen.pdbx_host_org_variant              ? 
_entity_src_gen.pdbx_host_org_cell_line            ? 
_entity_src_gen.pdbx_host_org_atcc                 ? 
_entity_src_gen.pdbx_host_org_culture_collection   ? 
_entity_src_gen.pdbx_host_org_cell                 ? 
_entity_src_gen.pdbx_host_org_organelle            ? 
_entity_src_gen.pdbx_host_org_cellular_location    ? 
_entity_src_gen.pdbx_host_org_vector_type          Plasmid 
_entity_src_gen.pdbx_host_org_vector               ? 
_entity_src_gen.host_org_details                   ? 
_entity_src_gen.expression_system_id               ? 
_entity_src_gen.plasmid_name                       ? 
_entity_src_gen.plasmid_details                    ? 
_entity_src_gen.pdbx_description                   ? 
# 
loop_
_chem_comp.id 
_chem_comp.type 
_chem_comp.mon_nstd_flag 
_chem_comp.name 
_chem_comp.pdbx_synonyms 
_chem_comp.formula 
_chem_comp.formula_weight 
ALA 'L-peptide linking' y ALANINE          ? 'C3 H7 N O2'     89.093  
ARG 'L-peptide linking' y ARGININE         ? 'C6 H15 N4 O2 1' 175.209 
ASN 'L-peptide linking' y ASPARAGINE       ? 'C4 H8 N2 O3'    132.118 
ASP 'L-peptide linking' y 'ASPARTIC ACID'  ? 'C4 H7 N O4'     133.103 
GLU 'L-peptide linking' y 'GLUTAMIC ACID'  ? 'C5 H9 N O4'     147.129 
GLY 'peptide linking'   y GLYCINE          ? 'C2 H5 N O2'     75.067  
HIS 'L-peptide linking' y HISTIDINE        ? 'C6 H10 N3 O2 1' 156.162 
HOH non-polymer         . WATER            ? 'H2 O'           18.015  
ILE 'L-peptide linking' y ISOLEUCINE       ? 'C6 H13 N O2'    131.173 
LEU 'L-peptide linking' y LEUCINE          ? 'C6 H13 N O2'    131.173 
LYS 'L-peptide linking' y LYSINE           ? 'C6 H15 N2 O2 1' 147.195 
MET 'L-peptide linking' y METHIONINE       ? 'C5 H11 N O2 S'  149.211 
MSE 'L-peptide linking' n SELENOMETHIONINE ? 'C5 H11 N O2 Se' 196.106 
PHE 'L-peptide linking' y PHENYLALANINE    ? 'C9 H11 N O2'    165.189 
SER 'L-peptide linking' y SERINE           ? 'C3 H7 N O3'     105.093 
THR 'L-peptide linking' y THREONINE        ? 'C4 H9 N O3'     119.119 
VAL 'L-peptide linking' y VALINE           ? 'C5 H11 N O2'    117.146 
# 
loop_
_pdbx_poly_seq_scheme.asym_id 
_pdbx_poly_seq_scheme.entity_id 
_pdbx_poly_seq_scheme.seq_id 
_pdbx_poly_seq_scheme.mon_id 
_pdbx_poly_seq_scheme.ndb_seq_num 
_pdbx_poly_seq_scheme.pdb_seq_num 
_pdbx_poly_seq_scheme.auth_seq_num 
_pdbx_poly_seq_scheme.pdb_mon_id 
_pdbx_poly_seq_scheme.auth_mon_id 
_pdbx_poly_seq_scheme.pdb_strand_id 
_pdbx_poly_seq_scheme.pdb_ins_code 
_pdbx_poly_seq_scheme.hetero 
A 1 1   MSE 1   -11 ?  ?   ?   A . n 
A 1 2   GLY 2   -10 ?  ?   ?   A . n 
A 1 3   SER 3   -9  ?  ?   ?   A . n 
A 1 4   ASP 4   -8  ?  ?   ?   A . n 
A 1 5   LYS 5   -7  ?  ?   ?   A . n 
A 1 6   ILE 6   -6  ?  ?   ?   A . n 
A 1 7   HIS 7   -5  ?  ?   ?   A . n 
A 1 8   HIS 8   -4  ?  ?   ?   A . n 
A 1 9   HIS 9   -3  ?  ?   ?   A . n 
A 1 10  HIS 10  -2  -2 HIS HIS A . n 
A 1 11  HIS 11  -1  -1 HIS HIS A . n 
A 1 12  HIS 12  0   0  HIS HIS A . n 
A 1 13  MSE 13  1   1  MSE MSE A . n 
A 1 14  GLU 14  2   2  GLU GLU A . n 
A 1 15  ARG 15  3   3  ARG ARG A . n 
A 1 16  LYS 16  4   4  LYS LYS A . n 
A 1 17  LYS 17  5   5  LYS LYS A . n 
A 1 18  LEU 18  6   6  LEU LEU A . n 
A 1 19  ILE 19  7   7  ILE ILE A . n 
A 1 20  ALA 20  8   8  ALA ALA A . n 
A 1 21  LYS 21  9   9  LYS LYS A . n 
A 1 22  PHE 22  10  10 PHE PHE A . n 
A 1 23  VAL 23  11  11 VAL VAL A . n 
A 1 24  GLU 24  12  12 GLU GLU A . n 
A 1 25  ILE 25  13  13 ILE ILE A . n 
A 1 26  ALA 26  14  14 ALA ALA A . n 
A 1 27  SER 27  15  15 SER SER A . n 
A 1 28  GLU 28  16  16 GLU GLU A . n 
A 1 29  LYS 29  17  17 LYS LYS A . n 
A 1 30  MSE 30  18  18 MSE MSE A . n 
A 1 31  GLY 31  19  19 GLY GLY A . n 
A 1 32  LYS 32  20  20 LYS LYS A . n 
A 1 33  ASP 33  21  21 ASP ASP A . n 
A 1 34  LEU 34  22  22 LEU LEU A . n 
A 1 35  GLU 35  23  23 GLU GLU A . n 
A 1 36  THR 36  24  24 THR THR A . n 
A 1 37  VAL 37  25  25 VAL VAL A . n 
A 1 38  ASP 38  26  26 ASP ASP A . n 
A 1 39  GLU 39  27  27 GLU GLU A . n 
A 1 40  GLU 40  28  28 GLU GLU A . n 
A 1 41  ASN 41  29  29 ASN ASN A . n 
A 1 42  THR 42  30  30 THR THR A . n 
A 1 43  PHE 43  31  31 PHE PHE A . n 
A 1 44  LYS 44  32  32 LYS LYS A . n 
A 1 45  GLU 45  33  33 GLU GLU A . n 
A 1 46  LEU 46  34  34 LEU LEU A . n 
A 1 47  GLY 47  35  35 GLY GLY A . n 
A 1 48  PHE 48  36  36 PHE PHE A . n 
A 1 49  ASP 49  37  37 ASP ASP A . n 
A 1 50  SER 50  38  38 SER SER A . n 
A 1 51  ILE 51  39  39 ILE ILE A . n 
A 1 52  ASP 52  40  40 ASP ASP A . n 
A 1 53  VAL 53  41  41 VAL VAL A . n 
A 1 54  ILE 54  42  42 ILE ILE A . n 
A 1 55  ASP 55  43  43 ASP ASP A . n 
A 1 56  LEU 56  44  44 LEU LEU A . n 
A 1 57  VAL 57  45  45 VAL VAL A . n 
A 1 58  MSE 58  46  46 MSE MSE A . n 
A 1 59  PHE 59  47  47 PHE PHE A . n 
A 1 60  PHE 60  48  48 PHE PHE A . n 
A 1 61  GLU 61  49  49 GLU GLU A . n 
A 1 62  ASP 62  50  50 ASP ASP A . n 
A 1 63  GLU 63  51  51 GLU GLU A . n 
A 1 64  PHE 64  52  52 PHE PHE A . n 
A 1 65  ALA 65  53  53 ALA ALA A . n 
A 1 66  LEU 66  54  54 LEU LEU A . n 
A 1 67  ARG 67  55  55 ARG ARG A . n 
A 1 68  ILE 68  56  56 ILE ILE A . n 
A 1 69  GLU 69  57  57 GLU GLU A . n 
A 1 70  ASP 70  58  58 ASP ASP A . n 
A 1 71  GLU 71  59  59 GLU GLU A . n 
A 1 72  GLU 72  60  60 GLU GLU A . n 
A 1 73  ILE 73  61  61 ILE ILE A . n 
A 1 74  SER 74  62  62 SER SER A . n 
A 1 75  LYS 75  63  63 LYS LYS A . n 
A 1 76  ILE 76  64  64 ILE ILE A . n 
A 1 77  ARG 77  65  65 ARG ARG A . n 
A 1 78  LYS 78  66  66 LYS LYS A . n 
A 1 79  VAL 79  67  67 VAL VAL A . n 
A 1 80  LYS 80  68  68 LYS LYS A . n 
A 1 81  ASP 81  69  69 ASP ASP A . n 
A 1 82  LEU 82  70  70 LEU LEU A . n 
A 1 83  ILE 83  71  71 ILE ILE A . n 
A 1 84  ASP 84  72  72 ASP ASP A . n 
A 1 85  ILE 85  73  73 ILE ILE A . n 
A 1 86  VAL 86  74  74 VAL VAL A . n 
A 1 87  ILE 87  75  75 ILE ILE A . n 
A 1 88  LYS 88  76  76 LYS LYS A . n 
A 1 89  LYS 89  77  77 LYS LYS A . n 
A 1 90  LEU 90  78  78 LEU LEU A . n 
A 1 91  GLU 91  79  79 GLU GLU A . n 
A 1 92  GLU 92  80  80 GLU GLU A . n 
A 1 93  ILE 93  81  81 ILE ILE A . n 
A 1 94  ASP 94  82  82 ASP ASP A . n 
A 1 95  ASP 95  83  ?  ?   ?   A . n 
A 1 96  GLU 96  84  ?  ?   ?   A . n 
A 1 97  VAL 97  85  ?  ?   ?   A . n 
A 1 98  SER 98  86  ?  ?   ?   A . n 
A 1 99  GLU 99  87  ?  ?   ?   A . n 
A 1 100 GLY 100 88  ?  ?   ?   A . n 
# 
loop_
_pdbx_nonpoly_scheme.asym_id 
_pdbx_nonpoly_scheme.entity_id 
_pdbx_nonpoly_scheme.mon_id 
_pdbx_nonpoly_scheme.ndb_seq_num 
_pdbx_nonpoly_scheme.pdb_seq_num 
_pdbx_nonpoly_scheme.auth_seq_num 
_pdbx_nonpoly_scheme.pdb_mon_id 
_pdbx_nonpoly_scheme.auth_mon_id 
_pdbx_nonpoly_scheme.pdb_strand_id 
_pdbx_nonpoly_scheme.pdb_ins_code 
B 2 HOH 1  89  1  HOH HOH A . 
B 2 HOH 2  90  2  HOH HOH A . 
B 2 HOH 3  91  3  HOH HOH A . 
B 2 HOH 4  92  4  HOH HOH A . 
B 2 HOH 5  93  5  HOH HOH A . 
B 2 HOH 6  94  6  HOH HOH A . 
B 2 HOH 7  95  7  HOH HOH A . 
B 2 HOH 8  96  8  HOH HOH A . 
B 2 HOH 9  97  9  HOH HOH A . 
B 2 HOH 10 98  10 HOH HOH A . 
B 2 HOH 11 99  11 HOH HOH A . 
B 2 HOH 12 100 12 HOH HOH A . 
B 2 HOH 13 101 13 HOH HOH A . 
B 2 HOH 14 102 14 HOH HOH A . 
B 2 HOH 15 103 15 HOH HOH A . 
B 2 HOH 16 104 16 HOH HOH A . 
B 2 HOH 17 105 17 HOH HOH A . 
B 2 HOH 18 106 18 HOH HOH A . 
B 2 HOH 19 107 19 HOH HOH A . 
B 2 HOH 20 108 20 HOH HOH A . 
B 2 HOH 21 109 21 HOH HOH A . 
B 2 HOH 22 110 22 HOH HOH A . 
B 2 HOH 23 111 23 HOH HOH A . 
B 2 HOH 24 112 24 HOH HOH A . 
B 2 HOH 25 113 25 HOH HOH A . 
B 2 HOH 26 114 26 HOH HOH A . 
B 2 HOH 27 115 27 HOH HOH A . 
B 2 HOH 28 116 28 HOH HOH A . 
B 2 HOH 29 117 29 HOH HOH A . 
B 2 HOH 30 118 30 HOH HOH A . 
B 2 HOH 31 119 31 HOH HOH A . 
B 2 HOH 32 120 32 HOH HOH A . 
B 2 HOH 33 121 33 HOH HOH A . 
B 2 HOH 34 122 34 HOH HOH A . 
B 2 HOH 35 123 35 HOH HOH A . 
B 2 HOH 36 124 36 HOH HOH A . 
B 2 HOH 37 125 37 HOH HOH A . 
B 2 HOH 38 126 38 HOH HOH A . 
B 2 HOH 39 127 39 HOH HOH A . 
B 2 HOH 40 128 40 HOH HOH A . 
B 2 HOH 41 129 41 HOH HOH A . 
B 2 HOH 42 130 42 HOH HOH A . 
B 2 HOH 43 131 43 HOH HOH A . 
B 2 HOH 44 132 44 HOH HOH A . 
B 2 HOH 45 133 45 HOH HOH A . 
# 
loop_
_pdbx_unobs_or_zero_occ_atoms.id 
_pdbx_unobs_or_zero_occ_atoms.PDB_model_num 
_pdbx_unobs_or_zero_occ_atoms.polymer_flag 
_pdbx_unobs_or_zero_occ_atoms.occupancy_flag 
_pdbx_unobs_or_zero_occ_atoms.auth_asym_id 
_pdbx_unobs_or_zero_occ_atoms.auth_comp_id 
_pdbx_unobs_or_zero_occ_atoms.auth_seq_id 
_pdbx_unobs_or_zero_occ_atoms.PDB_ins_code 
_pdbx_unobs_or_zero_occ_atoms.auth_atom_id 
_pdbx_unobs_or_zero_occ_atoms.label_alt_id 
_pdbx_unobs_or_zero_occ_atoms.label_asym_id 
_pdbx_unobs_or_zero_occ_atoms.label_comp_id 
_pdbx_unobs_or_zero_occ_atoms.label_seq_id 
_pdbx_unobs_or_zero_occ_atoms.label_atom_id 
1  1 Y 1 A HIS -1 ? ND1 ? A HIS 11 ND1 
2  1 Y 1 A HIS -1 ? CD2 ? A HIS 11 CD2 
3  1 Y 1 A HIS -1 ? CE1 ? A HIS 11 CE1 
4  1 Y 1 A HIS -1 ? NE2 ? A HIS 11 NE2 
5  1 Y 1 A GLU 23 ? CD  ? A GLU 35 CD  
6  1 Y 1 A GLU 23 ? OE1 ? A GLU 35 OE1 
7  1 Y 1 A GLU 23 ? OE2 ? A GLU 35 OE2 
8  1 Y 1 A ARG 55 ? CD  ? A ARG 67 CD  
9  1 Y 1 A ARG 55 ? NE  ? A ARG 67 NE  
10 1 Y 1 A ARG 55 ? CZ  ? A ARG 67 CZ  
11 1 Y 1 A ARG 55 ? NH1 ? A ARG 67 NH1 
12 1 Y 1 A ARG 55 ? NH2 ? A ARG 67 NH2 
13 1 Y 1 A GLU 59 ? CD  ? A GLU 71 CD  
14 1 Y 1 A GLU 59 ? OE1 ? A GLU 71 OE1 
15 1 Y 1 A GLU 59 ? OE2 ? A GLU 71 OE2 
16 1 Y 1 A LYS 63 ? CE  ? A LYS 75 CE  
17 1 Y 1 A LYS 63 ? NZ  ? A LYS 75 NZ  
18 1 Y 1 A LYS 68 ? CE  ? A LYS 80 CE  
19 1 Y 1 A LYS 68 ? NZ  ? A LYS 80 NZ  
20 1 Y 1 A LYS 76 ? CE  ? A LYS 88 CE  
21 1 Y 1 A LYS 76 ? NZ  ? A LYS 88 NZ  
22 1 Y 1 A ILE 81 ? CG1 ? A ILE 93 CG1 
23 1 Y 1 A ILE 81 ? CG2 ? A ILE 93 CG2 
24 1 Y 1 A ILE 81 ? CD1 ? A ILE 93 CD1 
# 
loop_
_software.name 
_software.classification 
_software.version 
_software.citation_id 
_software.pdbx_ordinal 
MOSFLM    'data reduction' .         ? 1 
SCALA     'data scaling'   '4.2)'    ? 2 
autoSHARP phasing          .         ? 3 
SOLOMON   phasing          .         ? 4 
REFMAC    refinement       5.2.0001  ? 5 
CCP4      'data scaling'   '(SCALA)' ? 6 
# 
_cell.length_a           45.420 
_cell.length_b           45.420 
_cell.length_c           74.340 
_cell.angle_alpha        90.00 
_cell.angle_beta         90.00 
_cell.angle_gamma        120.00 
_cell.entry_id           1VKU 
_cell.pdbx_unique_axis   ? 
_cell.Z_PDB              6 
# 
_symmetry.space_group_name_H-M             'P 32 2 1' 
_symmetry.entry_id                         1VKU 
_symmetry.pdbx_full_space_group_name_H-M   ? 
_symmetry.Int_Tables_number                154 
_symmetry.cell_setting                     ? 
_symmetry.space_group_name_Hall            ? 
# 
_exptl.crystals_number   1 
_exptl.method            'X-RAY DIFFRACTION' 
_exptl.entry_id          1VKU 
# 
_exptl_crystal.id                    1 
_exptl_crystal.density_percent_sol   42.14 
_exptl_crystal.density_Matthews      2.14 
_exptl_crystal.density_meas          ? 
_exptl_crystal.description           ? 
_exptl_crystal.F_000                 ? 
_exptl_crystal.preparation           ? 
# 
_exptl_crystal_grow.crystal_id      1 
_exptl_crystal_grow.method          'VAPOR DIFFUSION,SITTING DROP,NANODROP' 
_exptl_crystal_grow.pH              7.7 
_exptl_crystal_grow.temp            277 
_exptl_crystal_grow.pdbx_details    '0.2M MgAcetate, 20% PEG-3350, pH 7.7, VAPOR DIFFUSION,SITTING DROP,NANODROP, temperature 277K' 
_exptl_crystal_grow.temp_details    ? 
_exptl_crystal_grow.pdbx_pH_range   . 
# 
_diffrn.id                     1 
_diffrn.ambient_temp           100 
_diffrn.ambient_temp_details   ? 
_diffrn.crystal_id             1 
# 
_diffrn_detector.diffrn_id              1 
_diffrn_detector.detector               CCD 
_diffrn_detector.type                   'ADSC QUANTUM 315' 
_diffrn_detector.details                ? 
_diffrn_detector.pdbx_collection_date   2004-05-02 
# 
_diffrn_radiation.diffrn_id                        1 
_diffrn_radiation.pdbx_monochromatic_or_laue_m_l   M 
_diffrn_radiation.monochromator                    'double crystal monochromator' 
_diffrn_radiation.pdbx_diffrn_protocol             MAD 
_diffrn_radiation.wavelength_id                    1 
_diffrn_radiation.pdbx_scattering_type             x-ray 
# 
loop_
_diffrn_radiation_wavelength.id 
_diffrn_radiation_wavelength.wavelength 
_diffrn_radiation_wavelength.wt 
1 0.898407 1.0 
2 0.979608 1.0 
3 0.979462 1.0 
# 
_diffrn_source.diffrn_id                   1 
_diffrn_source.source                      SYNCHROTRON 
_diffrn_source.pdbx_synchrotron_beamline   BL9-2 
_diffrn_source.type                        'SSRL BEAMLINE BL9-2' 
_diffrn_source.pdbx_wavelength             ? 
_diffrn_source.pdbx_synchrotron_site       SSRL 
_diffrn_source.pdbx_wavelength_list        '0.898407, 0.979608, 0.979462' 
# 
_reflns.observed_criterion_sigma_F   ? 
_reflns.observed_criterion_sigma_I   ? 
_reflns.d_resolution_high            2.000 
_reflns.d_resolution_low             27.02 
_reflns.number_obs                   6172 
_reflns.percent_possible_obs         96.8 
_reflns.pdbx_Rmerge_I_obs            ? 
_reflns.pdbx_netI_over_sigmaI        10.8 
_reflns.B_iso_Wilson_estimate        33.51 
_reflns.pdbx_redundancy              5.1 
_reflns.pdbx_Rsym_value              0.086 
_reflns.entry_id                     1VKU 
_reflns.number_all                   ? 
_reflns.R_free_details               ? 
_reflns.limit_h_max                  ? 
_reflns.limit_h_min                  ? 
_reflns.limit_k_max                  ? 
_reflns.limit_k_min                  ? 
_reflns.limit_l_max                  ? 
_reflns.limit_l_min                  ? 
_reflns.observed_criterion_F_max     ? 
_reflns.observed_criterion_F_min     ? 
_reflns.pdbx_chi_squared             ? 
_reflns.pdbx_scaling_rejects         ? 
_reflns.pdbx_ordinal                 1 
_reflns.pdbx_diffrn_id               1 
# 
_reflns_shell.d_res_high             2.00 
_reflns_shell.d_res_low              2.11 
_reflns_shell.percent_possible_all   83.9 
_reflns_shell.pdbx_Rsym_value        0.416 
_reflns_shell.pdbx_redundancy        3.0 
_reflns_shell.number_unique_all      756 
_reflns_shell.meanI_over_sigI_obs    2.6 
_reflns_shell.Rmerge_I_obs           ? 
_reflns_shell.percent_possible_obs   ? 
_reflns_shell.number_measured_all    ? 
_reflns_shell.number_measured_obs    ? 
_reflns_shell.number_unique_obs      ? 
_reflns_shell.pdbx_chi_squared       ? 
_reflns_shell.pdbx_ordinal           1 
_reflns_shell.pdbx_diffrn_id         1 
# 
_refine.ls_d_res_high                            2.00 
_refine.ls_d_res_low                             27.02 
_refine.pdbx_ls_sigma_F                          ? 
_refine.pdbx_ls_sigma_I                          ? 
_refine.ls_number_reflns_obs                     5871 
_refine.ls_number_reflns_R_free                  278 
_refine.ls_percent_reflns_R_free                 4.5 
_refine.ls_percent_reflns_obs                    96.58 
_refine.ls_R_factor_obs                          0.19954 
_refine.ls_R_factor_R_work                       0.19696 
_refine.ls_R_factor_R_free                       0.25276 
_refine.pdbx_R_Free_selection_details            RANDOM 
_refine.pdbx_stereochemistry_target_values       'MAXIMUM LIKELIHOOD WITH PHASES' 
_refine.pdbx_method_to_determine_struct          MAD 
_refine.pdbx_starting_model                      ? 
_refine.pdbx_ls_cross_valid_method               THROUGHOUT 
_refine.B_iso_mean                               32.457 
_refine.aniso_B[1][1]                            1.54 
_refine.aniso_B[2][2]                            1.54 
_refine.aniso_B[3][3]                            -2.31 
_refine.aniso_B[1][2]                            0.77 
_refine.aniso_B[1][3]                            0.00 
_refine.aniso_B[2][3]                            0.00 
_refine.details                                  'DENSITY FOR HIS -2, HIS -1, GLU 23, THR 24, ILE 81 AND ASP 82 ARE WEAK' 
_refine.pdbx_overall_ESU_R                       0.204 
_refine.pdbx_overall_ESU_R_Free                  0.184 
_refine.overall_SU_ML                            0.154 
_refine.overall_SU_B                             11.870 
_refine.correlation_coeff_Fo_to_Fc               0.952 
_refine.correlation_coeff_Fo_to_Fc_free          0.918 
_refine.solvent_model_details                    'BABINET MODEL WITH MASK' 
_refine.pdbx_solvent_vdw_probe_radii             1.20 
_refine.pdbx_solvent_ion_probe_radii             0.80 
_refine.pdbx_solvent_shrinkage_radii             0.80 
_refine.entry_id                                 1VKU 
_refine.ls_R_factor_all                          ? 
_refine.ls_number_reflns_all                     ? 
_refine.ls_redundancy_reflns_obs                 ? 
_refine.pdbx_data_cutoff_high_absF               ? 
_refine.pdbx_data_cutoff_low_absF                ? 
_refine.ls_number_parameters                     ? 
_refine.ls_number_restraints                     ? 
_refine.ls_R_factor_R_free_error                 ? 
_refine.ls_R_factor_R_free_error_details         ? 
_refine.pdbx_isotropic_thermal_model             ? 
_refine.pdbx_stereochem_target_val_spec_case     ? 
_refine.solvent_model_param_bsol                 ? 
_refine.solvent_model_param_ksol                 ? 
_refine.occupancy_max                            ? 
_refine.occupancy_min                            ? 
_refine.pdbx_data_cutoff_high_rms_absF           ? 
_refine.B_iso_min                                ? 
_refine.B_iso_max                                ? 
_refine.overall_SU_R_Cruickshank_DPI             ? 
_refine.overall_SU_R_free                        ? 
_refine.ls_wR_factor_R_free                      ? 
_refine.ls_wR_factor_R_work                      ? 
_refine.overall_FOM_free_R_set                   ? 
_refine.overall_FOM_work_R_set                   ? 
_refine.pdbx_refine_id                           'X-RAY DIFFRACTION' 
_refine.pdbx_TLS_residual_ADP_flag               'LIKELY RESIDUAL' 
_refine.pdbx_diffrn_id                           1 
_refine.pdbx_overall_phase_error                 ? 
_refine.pdbx_overall_SU_R_free_Cruickshank_DPI   ? 
_refine.pdbx_overall_SU_R_Blow_DPI               ? 
_refine.pdbx_overall_SU_R_free_Blow_DPI          ? 
# 
_refine_hist.pdbx_refine_id                   'X-RAY DIFFRACTION' 
_refine_hist.cycle_id                         LAST 
_refine_hist.pdbx_number_atoms_protein        683 
_refine_hist.pdbx_number_atoms_nucleic_acid   0 
_refine_hist.pdbx_number_atoms_ligand         0 
_refine_hist.number_atoms_solvent             45 
_refine_hist.number_atoms_total               728 
_refine_hist.d_res_high                       2.00 
_refine_hist.d_res_low                        27.02 
# 
loop_
_refine_ls_restr.type 
_refine_ls_restr.number 
_refine_ls_restr.dev_ideal 
_refine_ls_restr.dev_ideal_target 
_refine_ls_restr.weight 
_refine_ls_restr.pdbx_refine_id 
_refine_ls_restr.pdbx_restraint_function 
r_bond_refined_d         700 0.014  0.022  ? 'X-RAY DIFFRACTION' ? 
r_angle_refined_deg      934 1.373  1.977  ? 'X-RAY DIFFRACTION' ? 
r_dihedral_angle_1_deg   84  5.297  5.000  ? 'X-RAY DIFFRACTION' ? 
r_dihedral_angle_2_deg   33  33.814 26.364 ? 'X-RAY DIFFRACTION' ? 
r_dihedral_angle_3_deg   153 16.569 15.000 ? 'X-RAY DIFFRACTION' ? 
r_dihedral_angle_4_deg   2   10.859 15.000 ? 'X-RAY DIFFRACTION' ? 
r_chiral_restr           110 0.092  0.200  ? 'X-RAY DIFFRACTION' ? 
r_gen_planes_refined     492 0.005  0.020  ? 'X-RAY DIFFRACTION' ? 
r_nbd_refined            305 0.206  0.200  ? 'X-RAY DIFFRACTION' ? 
r_xyhbond_nbd_refined    36  0.150  0.200  ? 'X-RAY DIFFRACTION' ? 
r_symmetry_vdw_refined   28  0.180  0.200  ? 'X-RAY DIFFRACTION' ? 
r_symmetry_hbond_refined 5   0.118  0.200  ? 'X-RAY DIFFRACTION' ? 
r_mcbond_it              439 1.929  3.000  ? 'X-RAY DIFFRACTION' ? 
r_mcangle_it             691 3.030  5.000  ? 'X-RAY DIFFRACTION' ? 
r_scbond_it              284 5.825  8.000  ? 'X-RAY DIFFRACTION' ? 
r_scangle_it             243 8.631  11.000 ? 'X-RAY DIFFRACTION' ? 
# 
_refine_ls_shell.pdbx_total_number_of_bins_used   10 
_refine_ls_shell.d_res_high                       2.000 
_refine_ls_shell.d_res_low                        2.108 
_refine_ls_shell.percent_reflns_obs               ? 
_refine_ls_shell.number_reflns_R_work             717 
_refine_ls_shell.R_factor_R_work                  0.279 
_refine_ls_shell.percent_reflns_R_free            4.27 
_refine_ls_shell.number_reflns_R_free             32 
_refine_ls_shell.R_factor_R_free                  0.292 
_refine_ls_shell.R_factor_R_free_error            ? 
_refine_ls_shell.redundancy_reflns_obs            ? 
_refine_ls_shell.number_reflns_all                ? 
_refine_ls_shell.number_reflns_obs                ? 
_refine_ls_shell.pdbx_refine_id                   'X-RAY DIFFRACTION' 
_refine_ls_shell.R_factor_all                     ? 
# 
_struct.entry_id                  1VKU 
_struct.title                     
'Crystal structure of Acyl carrier protein (TM0175) from Thermotoga maritima at 2.00 A resolution' 
_struct.pdbx_model_details        ? 
_struct.pdbx_CASP_flag            ? 
_struct.pdbx_model_type_details   ? 
# 
_struct_keywords.text            
;TM0175, ACYL CARRIER PROTEIN, STRUCTURAL GENOMICS, JCSG, PROTEIN STRUCTURE INITIATIVE, PSI, Joint Center for Structural Genomics, BIOSYNTHETIC PROTEIN
;
_struct_keywords.pdbx_keywords   'BIOSYNTHETIC PROTEIN' 
_struct_keywords.entry_id        1VKU 
# 
loop_
_struct_asym.id 
_struct_asym.pdbx_blank_PDB_chainid_flag 
_struct_asym.pdbx_modified 
_struct_asym.entity_id 
_struct_asym.details 
A N N 1 ? 
B N N 2 ? 
# 
_struct_ref.id                         1 
_struct_ref.db_name                    UNP 
_struct_ref.db_code                    Q9WY19_THEMA 
_struct_ref.pdbx_db_accession          Q9WY19 
_struct_ref.entity_id                  1 
_struct_ref.pdbx_seq_one_letter_code   
;MERKKLIAKFVEIASEKMGKDLETVDEENTFKELGFDSIDVIDLVMFFEDEFALRIEDEEISKIRKVKDLIDIVIKKLEE
IDDEVSEG
;
_struct_ref.pdbx_align_begin           1 
_struct_ref.pdbx_db_isoform            ? 
# 
_struct_ref_seq.align_id                      1 
_struct_ref_seq.ref_id                        1 
_struct_ref_seq.pdbx_PDB_id_code              1VKU 
_struct_ref_seq.pdbx_strand_id                A 
_struct_ref_seq.seq_align_beg                 13 
_struct_ref_seq.pdbx_seq_align_beg_ins_code   ? 
_struct_ref_seq.seq_align_end                 100 
_struct_ref_seq.pdbx_seq_align_end_ins_code   ? 
_struct_ref_seq.pdbx_db_accession             Q9WY19 
_struct_ref_seq.db_align_beg                  1 
_struct_ref_seq.pdbx_db_align_beg_ins_code    ? 
_struct_ref_seq.db_align_end                  88 
_struct_ref_seq.pdbx_db_align_end_ins_code    ? 
_struct_ref_seq.pdbx_auth_seq_align_beg       1 
_struct_ref_seq.pdbx_auth_seq_align_end       88 
# 
loop_
_struct_ref_seq_dif.align_id 
_struct_ref_seq_dif.pdbx_pdb_id_code 
_struct_ref_seq_dif.mon_id 
_struct_ref_seq_dif.pdbx_pdb_strand_id 
_struct_ref_seq_dif.seq_num 
_struct_ref_seq_dif.pdbx_pdb_ins_code 
_struct_ref_seq_dif.pdbx_seq_db_name 
_struct_ref_seq_dif.pdbx_seq_db_accession_code 
_struct_ref_seq_dif.db_mon_id 
_struct_ref_seq_dif.pdbx_seq_db_seq_num 
_struct_ref_seq_dif.details 
_struct_ref_seq_dif.pdbx_auth_seq_num 
_struct_ref_seq_dif.pdbx_ordinal 
1 1VKU MSE A 1  ? UNP Q9WY19 ?   ?  'expression tag'   -11 1  
1 1VKU GLY A 2  ? UNP Q9WY19 ?   ?  'expression tag'   -10 2  
1 1VKU SER A 3  ? UNP Q9WY19 ?   ?  'expression tag'   -9  3  
1 1VKU ASP A 4  ? UNP Q9WY19 ?   ?  'expression tag'   -8  4  
1 1VKU LYS A 5  ? UNP Q9WY19 ?   ?  'expression tag'   -7  5  
1 1VKU ILE A 6  ? UNP Q9WY19 ?   ?  'expression tag'   -6  6  
1 1VKU HIS A 7  ? UNP Q9WY19 ?   ?  'expression tag'   -5  7  
1 1VKU HIS A 8  ? UNP Q9WY19 ?   ?  'expression tag'   -4  8  
1 1VKU HIS A 9  ? UNP Q9WY19 ?   ?  'expression tag'   -3  9  
1 1VKU HIS A 10 ? UNP Q9WY19 ?   ?  'expression tag'   -2  10 
1 1VKU HIS A 11 ? UNP Q9WY19 ?   ?  'expression tag'   -1  11 
1 1VKU HIS A 12 ? UNP Q9WY19 ?   ?  'expression tag'   0   12 
1 1VKU MSE A 13 ? UNP Q9WY19 MET 1  'modified residue' 1   13 
1 1VKU MSE A 30 ? UNP Q9WY19 MET 18 'modified residue' 18  14 
1 1VKU MSE A 58 ? UNP Q9WY19 MET 46 'modified residue' 46  15 
# 
_pdbx_struct_assembly.id                   1 
_pdbx_struct_assembly.details              author_defined_assembly 
_pdbx_struct_assembly.method_details       ? 
_pdbx_struct_assembly.oligomeric_details   monomeric 
_pdbx_struct_assembly.oligomeric_count     1 
# 
_pdbx_struct_assembly_gen.assembly_id       1 
_pdbx_struct_assembly_gen.oper_expression   1 
_pdbx_struct_assembly_gen.asym_id_list      A,B 
# 
_pdbx_struct_oper_list.id                   1 
_pdbx_struct_oper_list.type                 'identity operation' 
_pdbx_struct_oper_list.name                 1_555 
_pdbx_struct_oper_list.symmetry_operation   x,y,z 
_pdbx_struct_oper_list.matrix[1][1]         1.0000000000 
_pdbx_struct_oper_list.matrix[1][2]         0.0000000000 
_pdbx_struct_oper_list.matrix[1][3]         0.0000000000 
_pdbx_struct_oper_list.vector[1]            0.0000000000 
_pdbx_struct_oper_list.matrix[2][1]         0.0000000000 
_pdbx_struct_oper_list.matrix[2][2]         1.0000000000 
_pdbx_struct_oper_list.matrix[2][3]         0.0000000000 
_pdbx_struct_oper_list.vector[2]            0.0000000000 
_pdbx_struct_oper_list.matrix[3][1]         0.0000000000 
_pdbx_struct_oper_list.matrix[3][2]         0.0000000000 
_pdbx_struct_oper_list.matrix[3][3]         1.0000000000 
_pdbx_struct_oper_list.vector[3]            0.0000000000 
# 
_struct_biol.id   1 
# 
loop_
_struct_conf.conf_type_id 
_struct_conf.id 
_struct_conf.pdbx_PDB_helix_id 
_struct_conf.beg_label_comp_id 
_struct_conf.beg_label_asym_id 
_struct_conf.beg_label_seq_id 
_struct_conf.pdbx_beg_PDB_ins_code 
_struct_conf.end_label_comp_id 
_struct_conf.end_label_asym_id 
_struct_conf.end_label_seq_id 
_struct_conf.pdbx_end_PDB_ins_code 
_struct_conf.beg_auth_comp_id 
_struct_conf.beg_auth_asym_id 
_struct_conf.beg_auth_seq_id 
_struct_conf.end_auth_comp_id 
_struct_conf.end_auth_asym_id 
_struct_conf.end_auth_seq_id 
_struct_conf.pdbx_PDB_helix_class 
_struct_conf.details 
_struct_conf.pdbx_PDB_helix_length 
HELX_P HELX_P1 1 MSE A 13 ? LYS A 29 ? MSE A 1  LYS A 17 1 ? 17 
HELX_P HELX_P2 2 ASP A 49 ? ALA A 65 ? ASP A 37 ALA A 53 1 ? 17 
HELX_P HELX_P3 3 GLU A 69 ? SER A 74 ? GLU A 57 SER A 62 1 ? 6  
HELX_P HELX_P4 4 LYS A 78 ? ILE A 93 ? LYS A 66 ILE A 81 1 ? 16 
# 
_struct_conf_type.id          HELX_P 
_struct_conf_type.criteria    ? 
_struct_conf_type.reference   ? 
# 
loop_
_struct_conn.id 
_struct_conn.conn_type_id 
_struct_conn.pdbx_leaving_atom_flag 
_struct_conn.pdbx_PDB_id 
_struct_conn.ptnr1_label_asym_id 
_struct_conn.ptnr1_label_comp_id 
_struct_conn.ptnr1_label_seq_id 
_struct_conn.ptnr1_label_atom_id 
_struct_conn.pdbx_ptnr1_label_alt_id 
_struct_conn.pdbx_ptnr1_PDB_ins_code 
_struct_conn.pdbx_ptnr1_standard_comp_id 
_struct_conn.ptnr1_symmetry 
_struct_conn.ptnr2_label_asym_id 
_struct_conn.ptnr2_label_comp_id 
_struct_conn.ptnr2_label_seq_id 
_struct_conn.ptnr2_label_atom_id 
_struct_conn.pdbx_ptnr2_label_alt_id 
_struct_conn.pdbx_ptnr2_PDB_ins_code 
_struct_conn.ptnr1_auth_asym_id 
_struct_conn.ptnr1_auth_comp_id 
_struct_conn.ptnr1_auth_seq_id 
_struct_conn.ptnr2_auth_asym_id 
_struct_conn.ptnr2_auth_comp_id 
_struct_conn.ptnr2_auth_seq_id 
_struct_conn.ptnr2_symmetry 
_struct_conn.pdbx_ptnr3_label_atom_id 
_struct_conn.pdbx_ptnr3_label_seq_id 
_struct_conn.pdbx_ptnr3_label_comp_id 
_struct_conn.pdbx_ptnr3_label_asym_id 
_struct_conn.pdbx_ptnr3_label_alt_id 
_struct_conn.pdbx_ptnr3_PDB_ins_code 
_struct_conn.details 
_struct_conn.pdbx_dist_value 
_struct_conn.pdbx_value_order 
_struct_conn.pdbx_role 
covale1 covale both ? A HIS 12 C ? ? ? 1_555 A MSE 13 N ? ? A HIS 0  A MSE 1  1_555 ? ? ? ? ? ? ? 1.327 ? ? 
covale2 covale both ? A MSE 13 C ? ? ? 1_555 A GLU 14 N ? ? A MSE 1  A GLU 2  1_555 ? ? ? ? ? ? ? 1.333 ? ? 
covale3 covale both ? A LYS 29 C ? ? ? 1_555 A MSE 30 N ? ? A LYS 17 A MSE 18 1_555 ? ? ? ? ? ? ? 1.328 ? ? 
covale4 covale both ? A MSE 30 C ? ? ? 1_555 A GLY 31 N ? ? A MSE 18 A GLY 19 1_555 ? ? ? ? ? ? ? 1.332 ? ? 
covale5 covale both ? A VAL 57 C ? ? ? 1_555 A MSE 58 N ? ? A VAL 45 A MSE 46 1_555 ? ? ? ? ? ? ? 1.335 ? ? 
covale6 covale both ? A MSE 58 C ? ? ? 1_555 A PHE 59 N ? ? A MSE 46 A PHE 47 1_555 ? ? ? ? ? ? ? 1.333 ? ? 
# 
_struct_conn_type.id          covale 
_struct_conn_type.criteria    ? 
_struct_conn_type.reference   ? 
# 
loop_
_pdbx_modification_feature.ordinal 
_pdbx_modification_feature.label_comp_id 
_pdbx_modification_feature.label_asym_id 
_pdbx_modification_feature.label_seq_id 
_pdbx_modification_feature.label_alt_id 
_pdbx_modification_feature.modified_residue_label_comp_id 
_pdbx_modification_feature.modified_residue_label_asym_id 
_pdbx_modification_feature.modified_residue_label_seq_id 
_pdbx_modification_feature.modified_residue_label_alt_id 
_pdbx_modification_feature.auth_comp_id 
_pdbx_modification_feature.auth_asym_id 
_pdbx_modification_feature.auth_seq_id 
_pdbx_modification_feature.PDB_ins_code 
_pdbx_modification_feature.symmetry 
_pdbx_modification_feature.modified_residue_auth_comp_id 
_pdbx_modification_feature.modified_residue_auth_asym_id 
_pdbx_modification_feature.modified_residue_auth_seq_id 
_pdbx_modification_feature.modified_residue_PDB_ins_code 
_pdbx_modification_feature.modified_residue_symmetry 
_pdbx_modification_feature.comp_id_linking_atom 
_pdbx_modification_feature.modified_residue_id_linking_atom 
_pdbx_modification_feature.modified_residue_id 
_pdbx_modification_feature.ref_pcm_id 
_pdbx_modification_feature.ref_comp_id 
_pdbx_modification_feature.type 
_pdbx_modification_feature.category 
1 MSE A 13 ? . . . . MSE A 1  ? 1_555 . . . . . . . MET 1 MSE Selenomethionine 'Named protein modification' 
2 MSE A 30 ? . . . . MSE A 18 ? 1_555 . . . . . . . MET 1 MSE Selenomethionine 'Named protein modification' 
3 MSE A 58 ? . . . . MSE A 46 ? 1_555 . . . . . . . MET 1 MSE Selenomethionine 'Named protein modification' 
# 
_pdbx_entry_details.entry_id                   1VKU 
_pdbx_entry_details.compound_details           ? 
_pdbx_entry_details.source_details             ? 
_pdbx_entry_details.nonpolymer_details         ? 
_pdbx_entry_details.sequence_details           ? 
_pdbx_entry_details.has_ligand_of_interest     ? 
_pdbx_entry_details.has_protein_modification   Y 
# 
loop_
_pdbx_validate_torsion.id 
_pdbx_validate_torsion.PDB_model_num 
_pdbx_validate_torsion.auth_comp_id 
_pdbx_validate_torsion.auth_asym_id 
_pdbx_validate_torsion.auth_seq_id 
_pdbx_validate_torsion.PDB_ins_code 
_pdbx_validate_torsion.label_alt_id 
_pdbx_validate_torsion.phi 
_pdbx_validate_torsion.psi 
1 1 GLU A 23 ? ? 56.46  -86.60 
2 1 ILE A 81 ? ? -65.45 73.23  
# 
_pdbx_SG_project.id                    1 
_pdbx_SG_project.project_name          'PSI, Protein Structure Initiative' 
_pdbx_SG_project.full_name_of_center   'Joint Center for Structural Genomics' 
_pdbx_SG_project.initial_of_center     JCSG 
# 
loop_
_pdbx_struct_mod_residue.id 
_pdbx_struct_mod_residue.label_asym_id 
_pdbx_struct_mod_residue.label_comp_id 
_pdbx_struct_mod_residue.label_seq_id 
_pdbx_struct_mod_residue.auth_asym_id 
_pdbx_struct_mod_residue.auth_comp_id 
_pdbx_struct_mod_residue.auth_seq_id 
_pdbx_struct_mod_residue.PDB_ins_code 
_pdbx_struct_mod_residue.parent_comp_id 
_pdbx_struct_mod_residue.details 
1 A MSE 13 A MSE 1  ? MET SELENOMETHIONINE 
2 A MSE 30 A MSE 18 ? MET SELENOMETHIONINE 
3 A MSE 58 A MSE 46 ? MET SELENOMETHIONINE 
# 
_pdbx_refine_tls.id               1 
_pdbx_refine_tls.details          . 
_pdbx_refine_tls.method           refined 
_pdbx_refine_tls.origin_x         -0.1238 
_pdbx_refine_tls.origin_y         0.2908 
_pdbx_refine_tls.origin_z         0.1735 
_pdbx_refine_tls.T[1][1]          -0.1166 
_pdbx_refine_tls.T[2][2]          -0.1944 
_pdbx_refine_tls.T[3][3]          -0.1793 
_pdbx_refine_tls.T[1][2]          -0.0234 
_pdbx_refine_tls.T[1][3]          -0.0049 
_pdbx_refine_tls.T[2][3]          -0.0091 
_pdbx_refine_tls.L[1][1]          4.5172 
_pdbx_refine_tls.L[2][2]          1.5833 
_pdbx_refine_tls.L[3][3]          1.8723 
_pdbx_refine_tls.L[1][2]          0.1516 
_pdbx_refine_tls.L[1][3]          -0.7863 
_pdbx_refine_tls.L[2][3]          0.4416 
_pdbx_refine_tls.S[1][1]          0.0616 
_pdbx_refine_tls.S[2][2]          0.0228 
_pdbx_refine_tls.S[3][3]          -0.0844 
_pdbx_refine_tls.S[1][2]          -0.0241 
_pdbx_refine_tls.S[1][3]          0.1822 
_pdbx_refine_tls.S[2][3]          -0.0808 
_pdbx_refine_tls.S[2][1]          -0.0076 
_pdbx_refine_tls.S[3][1]          -0.0932 
_pdbx_refine_tls.S[3][2]          -0.0187 
_pdbx_refine_tls.pdbx_refine_id   'X-RAY DIFFRACTION' 
# 
_pdbx_refine_tls_group.id                  1 
_pdbx_refine_tls_group.refine_tls_id       1 
_pdbx_refine_tls_group.beg_label_asym_id   A 
_pdbx_refine_tls_group.beg_label_seq_id    10 
_pdbx_refine_tls_group.end_label_asym_id   A 
_pdbx_refine_tls_group.end_label_seq_id    94 
_pdbx_refine_tls_group.selection           ALL 
_pdbx_refine_tls_group.beg_auth_asym_id    A 
_pdbx_refine_tls_group.beg_auth_seq_id     -2 
_pdbx_refine_tls_group.end_auth_asym_id    A 
_pdbx_refine_tls_group.end_auth_seq_id     82 
_pdbx_refine_tls_group.pdbx_refine_id      'X-RAY DIFFRACTION' 
_pdbx_refine_tls_group.selection_details   ? 
# 
loop_
_pdbx_unobs_or_zero_occ_residues.id 
_pdbx_unobs_or_zero_occ_residues.PDB_model_num 
_pdbx_unobs_or_zero_occ_residues.polymer_flag 
_pdbx_unobs_or_zero_occ_residues.occupancy_flag 
_pdbx_unobs_or_zero_occ_residues.auth_asym_id 
_pdbx_unobs_or_zero_occ_residues.auth_comp_id 
_pdbx_unobs_or_zero_occ_residues.auth_seq_id 
_pdbx_unobs_or_zero_occ_residues.PDB_ins_code 
_pdbx_unobs_or_zero_occ_residues.label_asym_id 
_pdbx_unobs_or_zero_occ_residues.label_comp_id 
_pdbx_unobs_or_zero_occ_residues.label_seq_id 
1  1 Y 1 A MSE -11 ? A MSE 1   
2  1 Y 1 A GLY -10 ? A GLY 2   
3  1 Y 1 A SER -9  ? A SER 3   
4  1 Y 1 A ASP -8  ? A ASP 4   
5  1 Y 1 A LYS -7  ? A LYS 5   
6  1 Y 1 A ILE -6  ? A ILE 6   
7  1 Y 1 A HIS -5  ? A HIS 7   
8  1 Y 1 A HIS -4  ? A HIS 8   
9  1 Y 1 A HIS -3  ? A HIS 9   
10 1 Y 1 A ASP 83  ? A ASP 95  
11 1 Y 1 A GLU 84  ? A GLU 96  
12 1 Y 1 A VAL 85  ? A VAL 97  
13 1 Y 1 A SER 86  ? A SER 98  
14 1 Y 1 A GLU 87  ? A GLU 99  
15 1 Y 1 A GLY 88  ? A GLY 100 
# 
loop_
_chem_comp_atom.comp_id 
_chem_comp_atom.atom_id 
_chem_comp_atom.type_symbol 
_chem_comp_atom.pdbx_aromatic_flag 
_chem_comp_atom.pdbx_stereo_config 
_chem_comp_atom.pdbx_ordinal 
ALA N    N  N N 1   
ALA CA   C  N S 2   
ALA C    C  N N 3   
ALA O    O  N N 4   
ALA CB   C  N N 5   
ALA OXT  O  N N 6   
ALA H    H  N N 7   
ALA H2   H  N N 8   
ALA HA   H  N N 9   
ALA HB1  H  N N 10  
ALA HB2  H  N N 11  
ALA HB3  H  N N 12  
ALA HXT  H  N N 13  
ARG N    N  N N 14  
ARG CA   C  N S 15  
ARG C    C  N N 16  
ARG O    O  N N 17  
ARG CB   C  N N 18  
ARG CG   C  N N 19  
ARG CD   C  N N 20  
ARG NE   N  N N 21  
ARG CZ   C  N N 22  
ARG NH1  N  N N 23  
ARG NH2  N  N N 24  
ARG OXT  O  N N 25  
ARG H    H  N N 26  
ARG H2   H  N N 27  
ARG HA   H  N N 28  
ARG HB2  H  N N 29  
ARG HB3  H  N N 30  
ARG HG2  H  N N 31  
ARG HG3  H  N N 32  
ARG HD2  H  N N 33  
ARG HD3  H  N N 34  
ARG HE   H  N N 35  
ARG HH11 H  N N 36  
ARG HH12 H  N N 37  
ARG HH21 H  N N 38  
ARG HH22 H  N N 39  
ARG HXT  H  N N 40  
ASN N    N  N N 41  
ASN CA   C  N S 42  
ASN C    C  N N 43  
ASN O    O  N N 44  
ASN CB   C  N N 45  
ASN CG   C  N N 46  
ASN OD1  O  N N 47  
ASN ND2  N  N N 48  
ASN OXT  O  N N 49  
ASN H    H  N N 50  
ASN H2   H  N N 51  
ASN HA   H  N N 52  
ASN HB2  H  N N 53  
ASN HB3  H  N N 54  
ASN HD21 H  N N 55  
ASN HD22 H  N N 56  
ASN HXT  H  N N 57  
ASP N    N  N N 58  
ASP CA   C  N S 59  
ASP C    C  N N 60  
ASP O    O  N N 61  
ASP CB   C  N N 62  
ASP CG   C  N N 63  
ASP OD1  O  N N 64  
ASP OD2  O  N N 65  
ASP OXT  O  N N 66  
ASP H    H  N N 67  
ASP H2   H  N N 68  
ASP HA   H  N N 69  
ASP HB2  H  N N 70  
ASP HB3  H  N N 71  
ASP HD2  H  N N 72  
ASP HXT  H  N N 73  
GLU N    N  N N 74  
GLU CA   C  N S 75  
GLU C    C  N N 76  
GLU O    O  N N 77  
GLU CB   C  N N 78  
GLU CG   C  N N 79  
GLU CD   C  N N 80  
GLU OE1  O  N N 81  
GLU OE2  O  N N 82  
GLU OXT  O  N N 83  
GLU H    H  N N 84  
GLU H2   H  N N 85  
GLU HA   H  N N 86  
GLU HB2  H  N N 87  
GLU HB3  H  N N 88  
GLU HG2  H  N N 89  
GLU HG3  H  N N 90  
GLU HE2  H  N N 91  
GLU HXT  H  N N 92  
GLY N    N  N N 93  
GLY CA   C  N N 94  
GLY C    C  N N 95  
GLY O    O  N N 96  
GLY OXT  O  N N 97  
GLY H    H  N N 98  
GLY H2   H  N N 99  
GLY HA2  H  N N 100 
GLY HA3  H  N N 101 
GLY HXT  H  N N 102 
HIS N    N  N N 103 
HIS CA   C  N S 104 
HIS C    C  N N 105 
HIS O    O  N N 106 
HIS CB   C  N N 107 
HIS CG   C  Y N 108 
HIS ND1  N  Y N 109 
HIS CD2  C  Y N 110 
HIS CE1  C  Y N 111 
HIS NE2  N  Y N 112 
HIS OXT  O  N N 113 
HIS H    H  N N 114 
HIS H2   H  N N 115 
HIS HA   H  N N 116 
HIS HB2  H  N N 117 
HIS HB3  H  N N 118 
HIS HD1  H  N N 119 
HIS HD2  H  N N 120 
HIS HE1  H  N N 121 
HIS HE2  H  N N 122 
HIS HXT  H  N N 123 
HOH O    O  N N 124 
HOH H1   H  N N 125 
HOH H2   H  N N 126 
ILE N    N  N N 127 
ILE CA   C  N S 128 
ILE C    C  N N 129 
ILE O    O  N N 130 
ILE CB   C  N S 131 
ILE CG1  C  N N 132 
ILE CG2  C  N N 133 
ILE CD1  C  N N 134 
ILE OXT  O  N N 135 
ILE H    H  N N 136 
ILE H2   H  N N 137 
ILE HA   H  N N 138 
ILE HB   H  N N 139 
ILE HG12 H  N N 140 
ILE HG13 H  N N 141 
ILE HG21 H  N N 142 
ILE HG22 H  N N 143 
ILE HG23 H  N N 144 
ILE HD11 H  N N 145 
ILE HD12 H  N N 146 
ILE HD13 H  N N 147 
ILE HXT  H  N N 148 
LEU N    N  N N 149 
LEU CA   C  N S 150 
LEU C    C  N N 151 
LEU O    O  N N 152 
LEU CB   C  N N 153 
LEU CG   C  N N 154 
LEU CD1  C  N N 155 
LEU CD2  C  N N 156 
LEU OXT  O  N N 157 
LEU H    H  N N 158 
LEU H2   H  N N 159 
LEU HA   H  N N 160 
LEU HB2  H  N N 161 
LEU HB3  H  N N 162 
LEU HG   H  N N 163 
LEU HD11 H  N N 164 
LEU HD12 H  N N 165 
LEU HD13 H  N N 166 
LEU HD21 H  N N 167 
LEU HD22 H  N N 168 
LEU HD23 H  N N 169 
LEU HXT  H  N N 170 
LYS N    N  N N 171 
LYS CA   C  N S 172 
LYS C    C  N N 173 
LYS O    O  N N 174 
LYS CB   C  N N 175 
LYS CG   C  N N 176 
LYS CD   C  N N 177 
LYS CE   C  N N 178 
LYS NZ   N  N N 179 
LYS OXT  O  N N 180 
LYS H    H  N N 181 
LYS H2   H  N N 182 
LYS HA   H  N N 183 
LYS HB2  H  N N 184 
LYS HB3  H  N N 185 
LYS HG2  H  N N 186 
LYS HG3  H  N N 187 
LYS HD2  H  N N 188 
LYS HD3  H  N N 189 
LYS HE2  H  N N 190 
LYS HE3  H  N N 191 
LYS HZ1  H  N N 192 
LYS HZ2  H  N N 193 
LYS HZ3  H  N N 194 
LYS HXT  H  N N 195 
MET N    N  N N 196 
MET CA   C  N S 197 
MET C    C  N N 198 
MET O    O  N N 199 
MET CB   C  N N 200 
MET CG   C  N N 201 
MET SD   S  N N 202 
MET CE   C  N N 203 
MET OXT  O  N N 204 
MET H    H  N N 205 
MET H2   H  N N 206 
MET HA   H  N N 207 
MET HB2  H  N N 208 
MET HB3  H  N N 209 
MET HG2  H  N N 210 
MET HG3  H  N N 211 
MET HE1  H  N N 212 
MET HE2  H  N N 213 
MET HE3  H  N N 214 
MET HXT  H  N N 215 
MSE N    N  N N 216 
MSE CA   C  N S 217 
MSE C    C  N N 218 
MSE O    O  N N 219 
MSE OXT  O  N N 220 
MSE CB   C  N N 221 
MSE CG   C  N N 222 
MSE SE   SE N N 223 
MSE CE   C  N N 224 
MSE H    H  N N 225 
MSE H2   H  N N 226 
MSE HA   H  N N 227 
MSE HXT  H  N N 228 
MSE HB2  H  N N 229 
MSE HB3  H  N N 230 
MSE HG2  H  N N 231 
MSE HG3  H  N N 232 
MSE HE1  H  N N 233 
MSE HE2  H  N N 234 
MSE HE3  H  N N 235 
PHE N    N  N N 236 
PHE CA   C  N S 237 
PHE C    C  N N 238 
PHE O    O  N N 239 
PHE CB   C  N N 240 
PHE CG   C  Y N 241 
PHE CD1  C  Y N 242 
PHE CD2  C  Y N 243 
PHE CE1  C  Y N 244 
PHE CE2  C  Y N 245 
PHE CZ   C  Y N 246 
PHE OXT  O  N N 247 
PHE H    H  N N 248 
PHE H2   H  N N 249 
PHE HA   H  N N 250 
PHE HB2  H  N N 251 
PHE HB3  H  N N 252 
PHE HD1  H  N N 253 
PHE HD2  H  N N 254 
PHE HE1  H  N N 255 
PHE HE2  H  N N 256 
PHE HZ   H  N N 257 
PHE HXT  H  N N 258 
SER N    N  N N 259 
SER CA   C  N S 260 
SER C    C  N N 261 
SER O    O  N N 262 
SER CB   C  N N 263 
SER OG   O  N N 264 
SER OXT  O  N N 265 
SER H    H  N N 266 
SER H2   H  N N 267 
SER HA   H  N N 268 
SER HB2  H  N N 269 
SER HB3  H  N N 270 
SER HG   H  N N 271 
SER HXT  H  N N 272 
THR N    N  N N 273 
THR CA   C  N S 274 
THR C    C  N N 275 
THR O    O  N N 276 
THR CB   C  N R 277 
THR OG1  O  N N 278 
THR CG2  C  N N 279 
THR OXT  O  N N 280 
THR H    H  N N 281 
THR H2   H  N N 282 
THR HA   H  N N 283 
THR HB   H  N N 284 
THR HG1  H  N N 285 
THR HG21 H  N N 286 
THR HG22 H  N N 287 
THR HG23 H  N N 288 
THR HXT  H  N N 289 
VAL N    N  N N 290 
VAL CA   C  N S 291 
VAL C    C  N N 292 
VAL O    O  N N 293 
VAL CB   C  N N 294 
VAL CG1  C  N N 295 
VAL CG2  C  N N 296 
VAL OXT  O  N N 297 
VAL H    H  N N 298 
VAL H2   H  N N 299 
VAL HA   H  N N 300 
VAL HB   H  N N 301 
VAL HG11 H  N N 302 
VAL HG12 H  N N 303 
VAL HG13 H  N N 304 
VAL HG21 H  N N 305 
VAL HG22 H  N N 306 
VAL HG23 H  N N 307 
VAL HXT  H  N N 308 
# 
loop_
_chem_comp_bond.comp_id 
_chem_comp_bond.atom_id_1 
_chem_comp_bond.atom_id_2 
_chem_comp_bond.value_order 
_chem_comp_bond.pdbx_aromatic_flag 
_chem_comp_bond.pdbx_stereo_config 
_chem_comp_bond.pdbx_ordinal 
ALA N   CA   sing N N 1   
ALA N   H    sing N N 2   
ALA N   H2   sing N N 3   
ALA CA  C    sing N N 4   
ALA CA  CB   sing N N 5   
ALA CA  HA   sing N N 6   
ALA C   O    doub N N 7   
ALA C   OXT  sing N N 8   
ALA CB  HB1  sing N N 9   
ALA CB  HB2  sing N N 10  
ALA CB  HB3  sing N N 11  
ALA OXT HXT  sing N N 12  
ARG N   CA   sing N N 13  
ARG N   H    sing N N 14  
ARG N   H2   sing N N 15  
ARG CA  C    sing N N 16  
ARG CA  CB   sing N N 17  
ARG CA  HA   sing N N 18  
ARG C   O    doub N N 19  
ARG C   OXT  sing N N 20  
ARG CB  CG   sing N N 21  
ARG CB  HB2  sing N N 22  
ARG CB  HB3  sing N N 23  
ARG CG  CD   sing N N 24  
ARG CG  HG2  sing N N 25  
ARG CG  HG3  sing N N 26  
ARG CD  NE   sing N N 27  
ARG CD  HD2  sing N N 28  
ARG CD  HD3  sing N N 29  
ARG NE  CZ   sing N N 30  
ARG NE  HE   sing N N 31  
ARG CZ  NH1  sing N N 32  
ARG CZ  NH2  doub N N 33  
ARG NH1 HH11 sing N N 34  
ARG NH1 HH12 sing N N 35  
ARG NH2 HH21 sing N N 36  
ARG NH2 HH22 sing N N 37  
ARG OXT HXT  sing N N 38  
ASN N   CA   sing N N 39  
ASN N   H    sing N N 40  
ASN N   H2   sing N N 41  
ASN CA  C    sing N N 42  
ASN CA  CB   sing N N 43  
ASN CA  HA   sing N N 44  
ASN C   O    doub N N 45  
ASN C   OXT  sing N N 46  
ASN CB  CG   sing N N 47  
ASN CB  HB2  sing N N 48  
ASN CB  HB3  sing N N 49  
ASN CG  OD1  doub N N 50  
ASN CG  ND2  sing N N 51  
ASN ND2 HD21 sing N N 52  
ASN ND2 HD22 sing N N 53  
ASN OXT HXT  sing N N 54  
ASP N   CA   sing N N 55  
ASP N   H    sing N N 56  
ASP N   H2   sing N N 57  
ASP CA  C    sing N N 58  
ASP CA  CB   sing N N 59  
ASP CA  HA   sing N N 60  
ASP C   O    doub N N 61  
ASP C   OXT  sing N N 62  
ASP CB  CG   sing N N 63  
ASP CB  HB2  sing N N 64  
ASP CB  HB3  sing N N 65  
ASP CG  OD1  doub N N 66  
ASP CG  OD2  sing N N 67  
ASP OD2 HD2  sing N N 68  
ASP OXT HXT  sing N N 69  
GLU N   CA   sing N N 70  
GLU N   H    sing N N 71  
GLU N   H2   sing N N 72  
GLU CA  C    sing N N 73  
GLU CA  CB   sing N N 74  
GLU CA  HA   sing N N 75  
GLU C   O    doub N N 76  
GLU C   OXT  sing N N 77  
GLU CB  CG   sing N N 78  
GLU CB  HB2  sing N N 79  
GLU CB  HB3  sing N N 80  
GLU CG  CD   sing N N 81  
GLU CG  HG2  sing N N 82  
GLU CG  HG3  sing N N 83  
GLU CD  OE1  doub N N 84  
GLU CD  OE2  sing N N 85  
GLU OE2 HE2  sing N N 86  
GLU OXT HXT  sing N N 87  
GLY N   CA   sing N N 88  
GLY N   H    sing N N 89  
GLY N   H2   sing N N 90  
GLY CA  C    sing N N 91  
GLY CA  HA2  sing N N 92  
GLY CA  HA3  sing N N 93  
GLY C   O    doub N N 94  
GLY C   OXT  sing N N 95  
GLY OXT HXT  sing N N 96  
HIS N   CA   sing N N 97  
HIS N   H    sing N N 98  
HIS N   H2   sing N N 99  
HIS CA  C    sing N N 100 
HIS CA  CB   sing N N 101 
HIS CA  HA   sing N N 102 
HIS C   O    doub N N 103 
HIS C   OXT  sing N N 104 
HIS CB  CG   sing N N 105 
HIS CB  HB2  sing N N 106 
HIS CB  HB3  sing N N 107 
HIS CG  ND1  sing Y N 108 
HIS CG  CD2  doub Y N 109 
HIS ND1 CE1  doub Y N 110 
HIS ND1 HD1  sing N N 111 
HIS CD2 NE2  sing Y N 112 
HIS CD2 HD2  sing N N 113 
HIS CE1 NE2  sing Y N 114 
HIS CE1 HE1  sing N N 115 
HIS NE2 HE2  sing N N 116 
HIS OXT HXT  sing N N 117 
HOH O   H1   sing N N 118 
HOH O   H2   sing N N 119 
ILE N   CA   sing N N 120 
ILE N   H    sing N N 121 
ILE N   H2   sing N N 122 
ILE CA  C    sing N N 123 
ILE CA  CB   sing N N 124 
ILE CA  HA   sing N N 125 
ILE C   O    doub N N 126 
ILE C   OXT  sing N N 127 
ILE CB  CG1  sing N N 128 
ILE CB  CG2  sing N N 129 
ILE CB  HB   sing N N 130 
ILE CG1 CD1  sing N N 131 
ILE CG1 HG12 sing N N 132 
ILE CG1 HG13 sing N N 133 
ILE CG2 HG21 sing N N 134 
ILE CG2 HG22 sing N N 135 
ILE CG2 HG23 sing N N 136 
ILE CD1 HD11 sing N N 137 
ILE CD1 HD12 sing N N 138 
ILE CD1 HD13 sing N N 139 
ILE OXT HXT  sing N N 140 
LEU N   CA   sing N N 141 
LEU N   H    sing N N 142 
LEU N   H2   sing N N 143 
LEU CA  C    sing N N 144 
LEU CA  CB   sing N N 145 
LEU CA  HA   sing N N 146 
LEU C   O    doub N N 147 
LEU C   OXT  sing N N 148 
LEU CB  CG   sing N N 149 
LEU CB  HB2  sing N N 150 
LEU CB  HB3  sing N N 151 
LEU CG  CD1  sing N N 152 
LEU CG  CD2  sing N N 153 
LEU CG  HG   sing N N 154 
LEU CD1 HD11 sing N N 155 
LEU CD1 HD12 sing N N 156 
LEU CD1 HD13 sing N N 157 
LEU CD2 HD21 sing N N 158 
LEU CD2 HD22 sing N N 159 
LEU CD2 HD23 sing N N 160 
LEU OXT HXT  sing N N 161 
LYS N   CA   sing N N 162 
LYS N   H    sing N N 163 
LYS N   H2   sing N N 164 
LYS CA  C    sing N N 165 
LYS CA  CB   sing N N 166 
LYS CA  HA   sing N N 167 
LYS C   O    doub N N 168 
LYS C   OXT  sing N N 169 
LYS CB  CG   sing N N 170 
LYS CB  HB2  sing N N 171 
LYS CB  HB3  sing N N 172 
LYS CG  CD   sing N N 173 
LYS CG  HG2  sing N N 174 
LYS CG  HG3  sing N N 175 
LYS CD  CE   sing N N 176 
LYS CD  HD2  sing N N 177 
LYS CD  HD3  sing N N 178 
LYS CE  NZ   sing N N 179 
LYS CE  HE2  sing N N 180 
LYS CE  HE3  sing N N 181 
LYS NZ  HZ1  sing N N 182 
LYS NZ  HZ2  sing N N 183 
LYS NZ  HZ3  sing N N 184 
LYS OXT HXT  sing N N 185 
MET N   CA   sing N N 186 
MET N   H    sing N N 187 
MET N   H2   sing N N 188 
MET CA  C    sing N N 189 
MET CA  CB   sing N N 190 
MET CA  HA   sing N N 191 
MET C   O    doub N N 192 
MET C   OXT  sing N N 193 
MET CB  CG   sing N N 194 
MET CB  HB2  sing N N 195 
MET CB  HB3  sing N N 196 
MET CG  SD   sing N N 197 
MET CG  HG2  sing N N 198 
MET CG  HG3  sing N N 199 
MET SD  CE   sing N N 200 
MET CE  HE1  sing N N 201 
MET CE  HE2  sing N N 202 
MET CE  HE3  sing N N 203 
MET OXT HXT  sing N N 204 
MSE N   CA   sing N N 205 
MSE N   H    sing N N 206 
MSE N   H2   sing N N 207 
MSE CA  C    sing N N 208 
MSE CA  CB   sing N N 209 
MSE CA  HA   sing N N 210 
MSE C   O    doub N N 211 
MSE C   OXT  sing N N 212 
MSE OXT HXT  sing N N 213 
MSE CB  CG   sing N N 214 
MSE CB  HB2  sing N N 215 
MSE CB  HB3  sing N N 216 
MSE CG  SE   sing N N 217 
MSE CG  HG2  sing N N 218 
MSE CG  HG3  sing N N 219 
MSE SE  CE   sing N N 220 
MSE CE  HE1  sing N N 221 
MSE CE  HE2  sing N N 222 
MSE CE  HE3  sing N N 223 
PHE N   CA   sing N N 224 
PHE N   H    sing N N 225 
PHE N   H2   sing N N 226 
PHE CA  C    sing N N 227 
PHE CA  CB   sing N N 228 
PHE CA  HA   sing N N 229 
PHE C   O    doub N N 230 
PHE C   OXT  sing N N 231 
PHE CB  CG   sing N N 232 
PHE CB  HB2  sing N N 233 
PHE CB  HB3  sing N N 234 
PHE CG  CD1  doub Y N 235 
PHE CG  CD2  sing Y N 236 
PHE CD1 CE1  sing Y N 237 
PHE CD1 HD1  sing N N 238 
PHE CD2 CE2  doub Y N 239 
PHE CD2 HD2  sing N N 240 
PHE CE1 CZ   doub Y N 241 
PHE CE1 HE1  sing N N 242 
PHE CE2 CZ   sing Y N 243 
PHE CE2 HE2  sing N N 244 
PHE CZ  HZ   sing N N 245 
PHE OXT HXT  sing N N 246 
SER N   CA   sing N N 247 
SER N   H    sing N N 248 
SER N   H2   sing N N 249 
SER CA  C    sing N N 250 
SER CA  CB   sing N N 251 
SER CA  HA   sing N N 252 
SER C   O    doub N N 253 
SER C   OXT  sing N N 254 
SER CB  OG   sing N N 255 
SER CB  HB2  sing N N 256 
SER CB  HB3  sing N N 257 
SER OG  HG   sing N N 258 
SER OXT HXT  sing N N 259 
THR N   CA   sing N N 260 
THR N   H    sing N N 261 
THR N   H2   sing N N 262 
THR CA  C    sing N N 263 
THR CA  CB   sing N N 264 
THR CA  HA   sing N N 265 
THR C   O    doub N N 266 
THR C   OXT  sing N N 267 
THR CB  OG1  sing N N 268 
THR CB  CG2  sing N N 269 
THR CB  HB   sing N N 270 
THR OG1 HG1  sing N N 271 
THR CG2 HG21 sing N N 272 
THR CG2 HG22 sing N N 273 
THR CG2 HG23 sing N N 274 
THR OXT HXT  sing N N 275 
VAL N   CA   sing N N 276 
VAL N   H    sing N N 277 
VAL N   H2   sing N N 278 
VAL CA  C    sing N N 279 
VAL CA  CB   sing N N 280 
VAL CA  HA   sing N N 281 
VAL C   O    doub N N 282 
VAL C   OXT  sing N N 283 
VAL CB  CG1  sing N N 284 
VAL CB  CG2  sing N N 285 
VAL CB  HB   sing N N 286 
VAL CG1 HG11 sing N N 287 
VAL CG1 HG12 sing N N 288 
VAL CG1 HG13 sing N N 289 
VAL CG2 HG21 sing N N 290 
VAL CG2 HG22 sing N N 291 
VAL CG2 HG23 sing N N 292 
VAL OXT HXT  sing N N 293 
# 
_atom_sites.entry_id                    1VKU 
_atom_sites.fract_transf_matrix[1][1]   0.00188469 
_atom_sites.fract_transf_matrix[1][2]   0.02249099 
_atom_sites.fract_transf_matrix[1][3]   0.01170134 
_atom_sites.fract_transf_matrix[2][1]   -0.00247727 
_atom_sites.fract_transf_matrix[2][2]   0.02150857 
_atom_sites.fract_transf_matrix[2][3]   -0.01332567 
_atom_sites.fract_transf_matrix[3][1]   -0.01325129 
_atom_sites.fract_transf_matrix[3][2]   -0.00009307 
_atom_sites.fract_transf_matrix[3][3]   0.00231322 
_atom_sites.fract_transf_vector[1]      0.796120 
_atom_sites.fract_transf_vector[2]      0.438796 
_atom_sites.fract_transf_vector[3]      0.073707 
# 
loop_
_atom_type.symbol 
C  
N  
O  
SE 
# 
loop_
_atom_site.group_PDB 
_atom_site.id 
_atom_site.type_symbol 
_atom_site.label_atom_id 
_atom_site.label_alt_id 
_atom_site.label_comp_id 
_atom_site.label_asym_id 
_atom_site.label_entity_id 
_atom_site.label_seq_id 
_atom_site.pdbx_PDB_ins_code 
_atom_site.Cartn_x 
_atom_site.Cartn_y 
_atom_site.Cartn_z 
_atom_site.occupancy 
_atom_site.B_iso_or_equiv 
_atom_site.pdbx_formal_charge 
_atom_site.auth_seq_id 
_atom_site.auth_comp_id 
_atom_site.auth_asym_id 
_atom_site.auth_atom_id 
_atom_site.pdbx_PDB_model_num 
ATOM   1   N  N   . HIS A 1 10 ? -17.754 13.339  3.039   1.00 48.86 ? -2  HIS A N   1 
ATOM   2   C  CA  . HIS A 1 10 ? -16.672 12.784  3.910   1.00 48.67 ? -2  HIS A CA  1 
ATOM   3   C  C   . HIS A 1 10 ? -16.522 11.301  3.636   1.00 48.78 ? -2  HIS A C   1 
ATOM   4   O  O   . HIS A 1 10 ? -17.481 10.557  3.798   1.00 51.31 ? -2  HIS A O   1 
ATOM   5   C  CB  . HIS A 1 10 ? -16.997 13.001  5.394   1.00 46.35 ? -2  HIS A CB  1 
ATOM   6   C  CG  . HIS A 1 10 ? -16.953 14.436  5.826   1.00 43.41 ? -2  HIS A CG  1 
ATOM   7   N  ND1 . HIS A 1 10 ? -17.900 14.993  6.662   1.00 40.79 ? -2  HIS A ND1 1 
ATOM   8   C  CD2 . HIS A 1 10 ? -16.080 15.432  5.539   1.00 39.25 ? -2  HIS A CD2 1 
ATOM   9   C  CE1 . HIS A 1 10 ? -17.613 16.266  6.874   1.00 36.16 ? -2  HIS A CE1 1 
ATOM   10  N  NE2 . HIS A 1 10 ? -16.514 16.558  6.203   1.00 40.25 ? -2  HIS A NE2 1 
ATOM   11  N  N   . HIS A 1 11 ? -15.340 10.876  3.198   1.00 47.99 ? -1  HIS A N   1 
ATOM   12  C  CA  . HIS A 1 11 ? -15.052 9.450   3.019   1.00 46.16 ? -1  HIS A CA  1 
ATOM   13  C  C   . HIS A 1 11 ? -14.405 8.914   4.313   1.00 43.93 ? -1  HIS A C   1 
ATOM   14  O  O   . HIS A 1 11 ? -13.163 8.858   4.447   1.00 47.64 ? -1  HIS A O   1 
ATOM   15  C  CB  . HIS A 1 11 ? -14.163 9.198   1.778   1.00 47.01 ? -1  HIS A CB  1 
ATOM   16  C  CG  . HIS A 1 11 ? -13.822 7.752   1.552   1.00 49.67 ? -1  HIS A CG  1 
ATOM   17  N  N   . HIS A 1 12 ? -15.255 8.522   5.261   1.00 35.42 ? 0   HIS A N   1 
ATOM   18  C  CA  . HIS A 1 12 ? -14.802 8.048   6.559   1.00 28.57 ? 0   HIS A CA  1 
ATOM   19  C  C   . HIS A 1 12 ? -14.040 6.741   6.473   1.00 26.54 ? 0   HIS A C   1 
ATOM   20  O  O   . HIS A 1 12 ? -14.257 5.959   5.566   1.00 25.54 ? 0   HIS A O   1 
ATOM   21  C  CB  . HIS A 1 12 ? -15.980 7.933   7.526   1.00 25.93 ? 0   HIS A CB  1 
ATOM   22  C  CG  . HIS A 1 12 ? -16.349 9.237   8.154   1.00 23.71 ? 0   HIS A CG  1 
ATOM   23  N  ND1 . HIS A 1 12 ? -15.425 10.037  8.781   1.00 12.65 ? 0   HIS A ND1 1 
ATOM   24  C  CD2 . HIS A 1 12 ? -17.524 9.899   8.227   1.00 12.79 ? 0   HIS A CD2 1 
ATOM   25  C  CE1 . HIS A 1 12 ? -16.015 11.120  9.240   1.00 15.40 ? 0   HIS A CE1 1 
ATOM   26  N  NE2 . HIS A 1 12 ? -17.292 11.062  8.919   1.00 18.38 ? 0   HIS A NE2 1 
HETATM 27  N  N   . MSE A 1 13 ? -13.144 6.519   7.427   1.00 23.89 ? 1   MSE A N   1 
HETATM 28  C  CA  . MSE A 1 13 ? -12.411 5.244   7.534   1.00 24.01 ? 1   MSE A CA  1 
HETATM 29  C  C   . MSE A 1 13 ? -11.532 4.908   6.324   1.00 26.31 ? 1   MSE A C   1 
HETATM 30  O  O   . MSE A 1 13 ? -11.296 3.733   6.028   1.00 27.21 ? 1   MSE A O   1 
HETATM 31  C  CB  . MSE A 1 13 ? -13.363 4.091   7.841   1.00 22.56 ? 1   MSE A CB  1 
HETATM 32  C  CG  . MSE A 1 13 ? -14.026 4.053   9.220   1.00 20.32 ? 1   MSE A CG  1 
HETATM 33  SE SE  . MSE A 1 13 ? -13.178 5.083   10.697  1.00 40.71 ? 1   MSE A SE  1 
HETATM 34  C  CE  . MSE A 1 13 ? -13.449 3.877   12.376  1.00 42.55 ? 1   MSE A CE  1 
ATOM   35  N  N   . GLU A 1 14 ? -11.052 5.925   5.608   1.00 30.00 ? 2   GLU A N   1 
ATOM   36  C  CA  . GLU A 1 14 ? -10.230 5.699   4.413   1.00 29.73 ? 2   GLU A CA  1 
ATOM   37  C  C   . GLU A 1 14 ? -8.910  5.003   4.741   1.00 28.10 ? 2   GLU A C   1 
ATOM   38  O  O   . GLU A 1 14 ? -8.488  4.167   3.992   1.00 25.21 ? 2   GLU A O   1 
ATOM   39  C  CB  . GLU A 1 14 ? -9.957  6.992   3.637   1.00 31.91 ? 2   GLU A CB  1 
ATOM   40  C  CG  . GLU A 1 14 ? -9.016  7.959   4.359   1.00 35.26 ? 2   GLU A CG  1 
ATOM   41  C  CD  . GLU A 1 14 ? -8.792  9.267   3.607   1.00 37.55 ? 2   GLU A CD  1 
ATOM   42  O  OE1 . GLU A 1 14 ? -9.140  9.319   2.387   1.00 47.67 ? 2   GLU A OE1 1 
ATOM   43  O  OE2 . GLU A 1 14 ? -8.264  10.233  4.244   1.00 41.30 ? 2   GLU A OE2 1 
ATOM   44  N  N   . ARG A 1 15 ? -8.270  5.334   5.860   1.00 25.83 ? 3   ARG A N   1 
ATOM   45  C  CA  . ARG A 1 15 ? -6.999  4.709   6.199   1.00 25.08 ? 3   ARG A CA  1 
ATOM   46  C  C   . ARG A 1 15 ? -7.215  3.258   6.623   1.00 28.55 ? 3   ARG A C   1 
ATOM   47  O  O   . ARG A 1 15 ? -6.501  2.383   6.142   1.00 29.45 ? 3   ARG A O   1 
ATOM   48  C  CB  . ARG A 1 15 ? -6.268  5.487   7.295   1.00 25.41 ? 3   ARG A CB  1 
ATOM   49  C  CG  . ARG A 1 15 ? -5.979  6.933   6.922   1.00 21.62 ? 3   ARG A CG  1 
ATOM   50  C  CD  . ARG A 1 15 ? -5.030  7.669   7.910   1.00 23.99 ? 3   ARG A CD  1 
ATOM   51  N  NE  . ARG A 1 15 ? -3.665  7.278   7.618   1.00 27.22 ? 3   ARG A NE  1 
ATOM   52  C  CZ  . ARG A 1 15 ? -2.956  7.739   6.579   1.00 39.08 ? 3   ARG A CZ  1 
ATOM   53  N  NH1 . ARG A 1 15 ? -3.472  8.668   5.773   1.00 32.75 ? 3   ARG A NH1 1 
ATOM   54  N  NH2 . ARG A 1 15 ? -1.717  7.288   6.350   1.00 32.78 ? 3   ARG A NH2 1 
ATOM   55  N  N   . LYS A 1 16 ? -8.190  3.012   7.514   1.00 25.99 ? 4   LYS A N   1 
ATOM   56  C  CA  . LYS A 1 16 ? -8.543  1.654   7.936   1.00 25.22 ? 4   LYS A CA  1 
ATOM   57  C  C   . LYS A 1 16 ? -8.810  0.776   6.734   1.00 25.13 ? 4   LYS A C   1 
ATOM   58  O  O   . LYS A 1 16 ? -8.388  -0.365  6.715   1.00 27.99 ? 4   LYS A O   1 
ATOM   59  C  CB  A LYS A 1 16 ? -9.715  1.632   8.930   0.65 24.61 ? 4   LYS A CB  1 
ATOM   60  C  CB  B LYS A 1 16 ? -9.799  1.657   8.819   0.35 23.81 ? 4   LYS A CB  1 
ATOM   61  C  CG  A LYS A 1 16 ? -9.408  2.461   10.198  0.65 28.03 ? 4   LYS A CG  1 
ATOM   62  C  CG  B LYS A 1 16 ? -10.091 0.321   9.507   0.35 20.04 ? 4   LYS A CG  1 
ATOM   63  C  CD  A LYS A 1 16 ? -10.211 2.087   11.442  0.65 25.95 ? 4   LYS A CD  1 
ATOM   64  C  CD  B LYS A 1 16 ? -11.566 0.114   9.836   0.35 18.97 ? 4   LYS A CD  1 
ATOM   65  C  CE  A LYS A 1 16 ? -9.609  2.832   12.646  0.65 24.20 ? 4   LYS A CE  1 
ATOM   66  C  CE  B LYS A 1 16 ? -11.980 0.803   11.111  0.35 21.27 ? 4   LYS A CE  1 
ATOM   67  N  NZ  A LYS A 1 16 ? -10.462 2.822   13.858  0.65 22.44 ? 4   LYS A NZ  1 
ATOM   68  N  NZ  B LYS A 1 16 ? -13.410 0.517   11.445  0.35 28.25 ? 4   LYS A NZ  1 
ATOM   69  N  N   . LYS A 1 17 ? -9.539  1.307   5.760   1.00 26.31 ? 5   LYS A N   1 
ATOM   70  C  CA  . LYS A 1 17 ? -9.901  0.562   4.571   1.00 26.12 ? 5   LYS A CA  1 
ATOM   71  C  C   . LYS A 1 17 ? -8.691  0.209   3.704   1.00 26.12 ? 5   LYS A C   1 
ATOM   72  O  O   . LYS A 1 17 ? -8.565  -0.920  3.257   1.00 27.63 ? 5   LYS A O   1 
ATOM   73  C  CB  . LYS A 1 17 ? -10.973 1.304   3.775   1.00 26.19 ? 5   LYS A CB  1 
ATOM   74  C  CG  . LYS A 1 17 ? -12.364 1.353   4.437   1.00 21.78 ? 5   LYS A CG  1 
ATOM   75  C  CD  . LYS A 1 17 ? -13.302 2.163   3.586   1.00 27.63 ? 5   LYS A CD  1 
ATOM   76  C  CE  . LYS A 1 17 ? -14.658 2.257   4.204   1.00 28.37 ? 5   LYS A CE  1 
ATOM   77  N  NZ  . LYS A 1 17 ? -15.503 3.062   3.320   1.00 29.79 ? 5   LYS A NZ  1 
ATOM   78  N  N   . LEU A 1 18 ? -7.797  1.165   3.483   1.00 26.48 ? 6   LEU A N   1 
ATOM   79  C  CA  . LEU A 1 18 ? -6.573  0.893   2.729   1.00 26.63 ? 6   LEU A CA  1 
ATOM   80  C  C   . LEU A 1 18 ? -5.590  -0.004  3.469   1.00 27.04 ? 6   LEU A C   1 
ATOM   81  O  O   . LEU A 1 18 ? -4.910  -0.798  2.854   1.00 27.38 ? 6   LEU A O   1 
ATOM   82  C  CB  . LEU A 1 18 ? -5.902  2.182   2.268   1.00 26.89 ? 6   LEU A CB  1 
ATOM   83  C  CG  . LEU A 1 18 ? -6.763  2.958   1.265   1.00 24.56 ? 6   LEU A CG  1 
ATOM   84  C  CD1 . LEU A 1 18 ? -6.180  4.315   1.054   1.00 27.09 ? 6   LEU A CD1 1 
ATOM   85  C  CD2 . LEU A 1 18 ? -6.879  2.221   -0.053  1.00 28.39 ? 6   LEU A CD2 1 
ATOM   86  N  N   . ILE A 1 19 ? -5.526  0.085   4.792   1.00 27.72 ? 7   ILE A N   1 
ATOM   87  C  CA  . ILE A 1 19 ? -4.726  -0.901  5.515   1.00 27.89 ? 7   ILE A CA  1 
ATOM   88  C  C   . ILE A 1 19 ? -5.336  -2.291  5.338   1.00 28.83 ? 7   ILE A C   1 
ATOM   89  O  O   . ILE A 1 19 ? -4.621  -3.281  5.158   1.00 28.81 ? 7   ILE A O   1 
ATOM   90  C  CB  . ILE A 1 19 ? -4.552  -0.495  6.999   1.00 28.80 ? 7   ILE A CB  1 
ATOM   91  C  CG1 . ILE A 1 19 ? -3.658  0.736   7.074   1.00 22.58 ? 7   ILE A CG1 1 
ATOM   92  C  CG2 . ILE A 1 19 ? -3.930  -1.615  7.789   1.00 25.84 ? 7   ILE A CG2 1 
ATOM   93  C  CD1 . ILE A 1 19 ? -3.722  1.497   8.429   1.00 31.49 ? 7   ILE A CD1 1 
ATOM   94  N  N   . ALA A 1 20 ? -6.663  -2.370  5.400   1.00 28.99 ? 8   ALA A N   1 
ATOM   95  C  CA  . ALA A 1 20 ? -7.315  -3.653  5.255   1.00 30.58 ? 8   ALA A CA  1 
ATOM   96  C  C   . ALA A 1 20 ? -7.076  -4.220  3.863   1.00 29.03 ? 8   ALA A C   1 
ATOM   97  O  O   . ALA A 1 20 ? -6.928  -5.427  3.721   1.00 30.27 ? 8   ALA A O   1 
ATOM   98  C  CB  . ALA A 1 20 ? -8.833  -3.553  5.556   1.00 30.82 ? 8   ALA A CB  1 
ATOM   99  N  N   . LYS A 1 21 ? -7.066  -3.358  2.843   1.00 27.43 ? 9   LYS A N   1 
ATOM   100 C  CA  . LYS A 1 21 ? -6.783  -3.780  1.485   1.00 28.40 ? 9   LYS A CA  1 
ATOM   101 C  C   . LYS A 1 21 ? -5.322  -4.262  1.354   1.00 27.24 ? 9   LYS A C   1 
ATOM   102 O  O   . LYS A 1 21 ? -5.057  -5.318  0.789   1.00 27.48 ? 9   LYS A O   1 
ATOM   103 C  CB  . LYS A 1 21 ? -7.039  -2.621  0.500   1.00 28.18 ? 9   LYS A CB  1 
ATOM   104 C  CG  . LYS A 1 21 ? -6.998  -3.048  -0.926  1.00 29.61 ? 9   LYS A CG  1 
ATOM   105 C  CD  . LYS A 1 21 ? -8.219  -3.889  -1.176  1.00 32.34 ? 9   LYS A CD  1 
ATOM   106 C  CE  . LYS A 1 21 ? -8.187  -4.432  -2.527  1.00 35.57 ? 9   LYS A CE  1 
ATOM   107 N  NZ  . LYS A 1 21 ? -9.300  -5.340  -2.641  1.00 33.84 ? 9   LYS A NZ  1 
ATOM   108 N  N   . PHE A 1 22 ? -4.391  -3.493  1.913   1.00 24.96 ? 10  PHE A N   1 
ATOM   109 C  CA  . PHE A 1 22 ? -3.009  -3.920  1.999   1.00 27.18 ? 10  PHE A CA  1 
ATOM   110 C  C   . PHE A 1 22 ? -2.911  -5.339  2.608   1.00 28.66 ? 10  PHE A C   1 
ATOM   111 O  O   . PHE A 1 22 ? -2.281  -6.201  2.035   1.00 29.41 ? 10  PHE A O   1 
ATOM   112 C  CB  . PHE A 1 22 ? -2.228  -2.920  2.832   1.00 25.72 ? 10  PHE A CB  1 
ATOM   113 C  CG  . PHE A 1 22 ? -0.875  -3.388  3.264   1.00 26.90 ? 10  PHE A CG  1 
ATOM   114 C  CD1 . PHE A 1 22 ? -0.048  -4.104  2.411   1.00 27.62 ? 10  PHE A CD1 1 
ATOM   115 C  CD2 . PHE A 1 22 ? -0.412  -3.078  4.531   1.00 32.71 ? 10  PHE A CD2 1 
ATOM   116 C  CE1 . PHE A 1 22 ? 1.202   -4.527  2.823   1.00 29.91 ? 10  PHE A CE1 1 
ATOM   117 C  CE2 . PHE A 1 22 ? 0.844   -3.495  4.951   1.00 30.88 ? 10  PHE A CE2 1 
ATOM   118 C  CZ  . PHE A 1 22 ? 1.649   -4.223  4.103   1.00 30.43 ? 10  PHE A CZ  1 
ATOM   119 N  N   . VAL A 1 23 ? -3.557  -5.586  3.745   1.00 26.98 ? 11  VAL A N   1 
ATOM   120 C  CA  . VAL A 1 23 ? -3.495  -6.911  4.394   1.00 27.47 ? 11  VAL A CA  1 
ATOM   121 C  C   . VAL A 1 23 ? -4.067  -8.015  3.485   1.00 26.42 ? 11  VAL A C   1 
ATOM   122 O  O   . VAL A 1 23 ? -3.504  -9.115  3.394   1.00 28.92 ? 11  VAL A O   1 
ATOM   123 C  CB  . VAL A 1 23 ? -4.159  -6.860  5.767   1.00 27.70 ? 11  VAL A CB  1 
ATOM   124 C  CG1 . VAL A 1 23 ? -4.308  -8.247  6.411   1.00 25.24 ? 11  VAL A CG1 1 
ATOM   125 C  CG2 . VAL A 1 23 ? -3.330  -5.989  6.655   1.00 29.49 ? 11  VAL A CG2 1 
ATOM   126 N  N   . GLU A 1 24 ? -5.162  -7.714  2.798   1.00 27.35 ? 12  GLU A N   1 
ATOM   127 C  CA  . GLU A 1 24 ? -5.840  -8.692  1.946   1.00 30.53 ? 12  GLU A CA  1 
ATOM   128 C  C   . GLU A 1 24 ? -4.990  -9.052  0.740   1.00 27.48 ? 12  GLU A C   1 
ATOM   129 O  O   . GLU A 1 24 ? -4.857  -10.231 0.383   1.00 28.57 ? 12  GLU A O   1 
ATOM   130 C  CB  . GLU A 1 24 ? -7.196  -8.132  1.498   1.00 30.62 ? 12  GLU A CB  1 
ATOM   131 C  CG  . GLU A 1 24 ? -7.868  -8.826  0.314   1.00 35.66 ? 12  GLU A CG  1 
ATOM   132 C  CD  . GLU A 1 24 ? -8.879  -7.915  -0.399  1.00 40.77 ? 12  GLU A CD  1 
ATOM   133 O  OE1 . GLU A 1 24 ? -9.536  -7.065  0.259   1.00 44.17 ? 12  GLU A OE1 1 
ATOM   134 O  OE2 . GLU A 1 24 ? -9.008  -8.024  -1.643  1.00 52.52 ? 12  GLU A OE2 1 
ATOM   135 N  N   . ILE A 1 25 ? -4.422  -8.034  0.114   1.00 27.90 ? 13  ILE A N   1 
ATOM   136 C  CA  . ILE A 1 25 ? -3.529  -8.235  -1.021  1.00 28.57 ? 13  ILE A CA  1 
ATOM   137 C  C   . ILE A 1 25 ? -2.284  -9.003  -0.588  1.00 28.32 ? 13  ILE A C   1 
ATOM   138 O  O   . ILE A 1 25 ? -1.886  -9.939  -1.248  1.00 25.30 ? 13  ILE A O   1 
ATOM   139 C  CB  . ILE A 1 25 ? -3.115  -6.890  -1.644  1.00 28.21 ? 13  ILE A CB  1 
ATOM   140 C  CG1 . ILE A 1 25 ? -4.275  -6.264  -2.428  1.00 30.89 ? 13  ILE A CG1 1 
ATOM   141 C  CG2 . ILE A 1 25 ? -1.913  -7.097  -2.551  1.00 29.44 ? 13  ILE A CG2 1 
ATOM   142 C  CD1 . ILE A 1 25 ? -4.040  -4.839  -2.780  1.00 29.64 ? 13  ILE A CD1 1 
ATOM   143 N  N   . ALA A 1 26 ? -1.671  -8.618  0.532   1.00 27.68 ? 14  ALA A N   1 
ATOM   144 C  CA  . ALA A 1 26 ? -0.484  -9.344  1.023   1.00 28.10 ? 14  ALA A CA  1 
ATOM   145 C  C   . ALA A 1 26 ? -0.793  -10.816 1.208   1.00 27.58 ? 14  ALA A C   1 
ATOM   146 O  O   . ALA A 1 26 ? -0.024  -11.681 0.834   1.00 30.23 ? 14  ALA A O   1 
ATOM   147 C  CB  . ALA A 1 26 ? 0.015   -8.726  2.329   1.00 29.59 ? 14  ALA A CB  1 
ATOM   148 N  N   . SER A 1 27 ? -1.967  -11.099 1.752   1.00 29.72 ? 15  SER A N   1 
ATOM   149 C  CA  . SER A 1 27 ? -2.375  -12.454 2.041   1.00 31.25 ? 15  SER A CA  1 
ATOM   150 C  C   . SER A 1 27 ? -2.789  -13.223 0.797   1.00 33.41 ? 15  SER A C   1 
ATOM   151 O  O   . SER A 1 27 ? -2.376  -14.374 0.600   1.00 33.44 ? 15  SER A O   1 
ATOM   152 C  CB  . SER A 1 27 ? -3.547  -12.446 3.014   1.00 29.62 ? 15  SER A CB  1 
ATOM   153 O  OG  . SER A 1 27 ? -3.937  -13.771 3.294   1.00 38.13 ? 15  SER A OG  1 
ATOM   154 N  N   . GLU A 1 28 ? -3.634  -12.605 -0.019  1.00 33.52 ? 16  GLU A N   1 
ATOM   155 C  CA  . GLU A 1 28 ? -4.213  -13.292 -1.164  1.00 34.70 ? 16  GLU A CA  1 
ATOM   156 C  C   . GLU A 1 28 ? -3.312  -13.346 -2.379  1.00 34.73 ? 16  GLU A C   1 
ATOM   157 O  O   . GLU A 1 28 ? -3.244  -14.366 -3.042  1.00 35.83 ? 16  GLU A O   1 
ATOM   158 C  CB  . GLU A 1 28 ? -5.527  -12.659 -1.552  1.00 34.29 ? 16  GLU A CB  1 
ATOM   159 C  CG  . GLU A 1 28 ? -6.687  -13.145 -0.718  1.00 41.97 ? 16  GLU A CG  1 
ATOM   160 C  CD  . GLU A 1 28 ? -7.959  -12.395 -1.034  1.00 55.33 ? 16  GLU A CD  1 
ATOM   161 O  OE1 . GLU A 1 28 ? -8.070  -11.875 -2.178  1.00 59.74 ? 16  GLU A OE1 1 
ATOM   162 O  OE2 . GLU A 1 28 ? -8.839  -12.327 -0.136  1.00 60.40 ? 16  GLU A OE2 1 
ATOM   163 N  N   . LYS A 1 29 ? -2.629  -12.254 -2.687  1.00 35.19 ? 17  LYS A N   1 
ATOM   164 C  CA  . LYS A 1 29 ? -1.766  -12.261 -3.854  1.00 36.51 ? 17  LYS A CA  1 
ATOM   165 C  C   . LYS A 1 29 ? -0.348  -12.681 -3.522  1.00 35.83 ? 17  LYS A C   1 
ATOM   166 O  O   . LYS A 1 29 ? 0.328   -13.246 -4.364  1.00 35.85 ? 17  LYS A O   1 
ATOM   167 C  CB  . LYS A 1 29 ? -1.731  -10.908 -4.529  1.00 35.52 ? 17  LYS A CB  1 
ATOM   168 C  CG  . LYS A 1 29 ? -3.061  -10.257 -4.693  1.00 36.98 ? 17  LYS A CG  1 
ATOM   169 C  CD  . LYS A 1 29 ? -3.878  -10.980 -5.666  1.00 42.90 ? 17  LYS A CD  1 
ATOM   170 C  CE  . LYS A 1 29 ? -4.651  -9.997  -6.476  1.00 45.83 ? 17  LYS A CE  1 
ATOM   171 N  NZ  . LYS A 1 29 ? -4.970  -10.661 -7.752  1.00 44.80 ? 17  LYS A NZ  1 
HETATM 172 N  N   . MSE A 1 30 ? 0.104   -12.424 -2.300  1.00 34.58 ? 18  MSE A N   1 
HETATM 173 C  CA  . MSE A 1 30 ? 1.533   -12.558 -2.008  1.00 31.80 ? 18  MSE A CA  1 
HETATM 174 C  C   . MSE A 1 30 ? 1.871   -13.634 -0.988  1.00 30.91 ? 18  MSE A C   1 
HETATM 175 O  O   . MSE A 1 30 ? 3.038   -13.905 -0.778  1.00 32.32 ? 18  MSE A O   1 
HETATM 176 C  CB  . MSE A 1 30 ? 2.118   -11.198 -1.618  1.00 31.81 ? 18  MSE A CB  1 
HETATM 177 C  CG  . MSE A 1 30 ? 1.968   -10.160 -2.748  1.00 29.34 ? 18  MSE A CG  1 
HETATM 178 SE SE  . MSE A 1 30 ? 2.403   -8.378  -2.197  1.00 40.29 ? 18  MSE A SE  1 
HETATM 179 C  CE  . MSE A 1 30 ? 4.330   -8.550  -2.422  1.00 29.77 ? 18  MSE A CE  1 
ATOM   180 N  N   . GLY A 1 31 ? 0.866   -14.254 -0.370  1.00 24.42 ? 19  GLY A N   1 
ATOM   181 C  CA  . GLY A 1 31 ? 1.092   -15.372 0.543   1.00 26.74 ? 19  GLY A CA  1 
ATOM   182 C  C   . GLY A 1 31 ? 1.697   -14.996 1.894   1.00 27.24 ? 19  GLY A C   1 
ATOM   183 O  O   . GLY A 1 31 ? 2.371   -15.802 2.538   1.00 28.22 ? 19  GLY A O   1 
ATOM   184 N  N   . LYS A 1 32 ? 1.469   -13.762 2.311   1.00 27.01 ? 20  LYS A N   1 
ATOM   185 C  CA  . LYS A 1 32 ? 2.088   -13.209 3.504   1.00 26.68 ? 20  LYS A CA  1 
ATOM   186 C  C   . LYS A 1 32 ? 0.938   -12.952 4.456   1.00 29.68 ? 20  LYS A C   1 
ATOM   187 O  O   . LYS A 1 32 ? 0.006   -12.253 4.107   1.00 29.04 ? 20  LYS A O   1 
ATOM   188 C  CB  A LYS A 1 32 ? 2.849   -11.918 3.144   0.65 26.77 ? 20  LYS A CB  1 
ATOM   189 C  CB  B LYS A 1 32 ? 2.783   -11.873 3.196   0.35 26.45 ? 20  LYS A CB  1 
ATOM   190 C  CG  A LYS A 1 32 ? 3.697   -11.301 4.248   0.65 25.84 ? 20  LYS A CG  1 
ATOM   191 C  CG  B LYS A 1 32 ? 4.159   -11.974 2.566   0.35 21.72 ? 20  LYS A CG  1 
ATOM   192 C  CD  A LYS A 1 32 ? 4.465   -12.336 5.077   0.65 26.97 ? 20  LYS A CD  1 
ATOM   193 C  CD  B LYS A 1 32 ? 4.515   -10.704 1.801   0.35 20.98 ? 20  LYS A CD  1 
ATOM   194 C  CE  A LYS A 1 32 ? 5.568   -11.658 5.894   0.65 28.15 ? 20  LYS A CE  1 
ATOM   195 C  CE  B LYS A 1 32 ? 5.610   -10.946 0.772   0.35 12.11 ? 20  LYS A CE  1 
ATOM   196 N  NZ  A LYS A 1 32 ? 6.454   -10.893 4.980   0.65 27.32 ? 20  LYS A NZ  1 
ATOM   197 N  NZ  B LYS A 1 32 ? 6.964   -11.081 1.377   0.35 14.89 ? 20  LYS A NZ  1 
ATOM   198 N  N   . ASP A 1 33 ? 0.974   -13.550 5.642   1.00 31.13 ? 21  ASP A N   1 
ATOM   199 C  CA  . ASP A 1 33 ? -0.059  -13.341 6.639   1.00 32.30 ? 21  ASP A CA  1 
ATOM   200 C  C   . ASP A 1 33 ? 0.461   -12.266 7.570   1.00 33.23 ? 21  ASP A C   1 
ATOM   201 O  O   . ASP A 1 33 ? 1.446   -12.474 8.254   1.00 34.16 ? 21  ASP A O   1 
ATOM   202 C  CB  . ASP A 1 33 ? -0.279  -14.645 7.407   1.00 33.40 ? 21  ASP A CB  1 
ATOM   203 C  CG  . ASP A 1 33 ? -1.306  -14.517 8.520   1.00 45.37 ? 21  ASP A CG  1 
ATOM   204 O  OD1 . ASP A 1 33 ? -2.238  -13.696 8.384   1.00 53.80 ? 21  ASP A OD1 1 
ATOM   205 O  OD2 . ASP A 1 33 ? -1.270  -15.205 9.576   1.00 54.56 ? 21  ASP A OD2 1 
ATOM   206 N  N   . LEU A 1 34 ? -0.188  -11.115 7.601   1.00 35.78 ? 22  LEU A N   1 
ATOM   207 C  CA  . LEU A 1 34 ? 0.269   -10.008 8.448   1.00 36.28 ? 22  LEU A CA  1 
ATOM   208 C  C   . LEU A 1 34 ? -0.559  -9.848  9.717   1.00 40.33 ? 22  LEU A C   1 
ATOM   209 O  O   . LEU A 1 34 ? -0.041  -9.480  10.780  1.00 41.45 ? 22  LEU A O   1 
ATOM   210 C  CB  . LEU A 1 34 ? 0.241   -8.709  7.656   1.00 32.46 ? 22  LEU A CB  1 
ATOM   211 C  CG  . LEU A 1 34 ? 1.189   -8.644  6.468   1.00 35.05 ? 22  LEU A CG  1 
ATOM   212 C  CD1 . LEU A 1 34 ? 0.933   -7.360  5.717   1.00 31.89 ? 22  LEU A CD1 1 
ATOM   213 C  CD2 . LEU A 1 34 ? 2.673   -8.757  6.882   1.00 37.69 ? 22  LEU A CD2 1 
ATOM   214 N  N   . GLU A 1 35 ? -1.852  -10.136 9.581   1.00 44.25 ? 23  GLU A N   1 
ATOM   215 C  CA  . GLU A 1 35 ? -2.866  -9.927  10.616  1.00 47.13 ? 23  GLU A CA  1 
ATOM   216 C  C   . GLU A 1 35 ? -2.954  -8.474  11.128  1.00 48.71 ? 23  GLU A C   1 
ATOM   217 O  O   . GLU A 1 35 ? -3.752  -7.721  10.582  1.00 49.69 ? 23  GLU A O   1 
ATOM   218 C  CB  . GLU A 1 35 ? -2.784  -10.971 11.742  1.00 47.11 ? 23  GLU A CB  1 
ATOM   219 C  CG  . GLU A 1 35 ? -4.147  -11.306 12.336  1.00 46.16 ? 23  GLU A CG  1 
ATOM   220 N  N   . THR A 1 36 ? -2.155  -8.061  12.127  1.00 49.52 ? 24  THR A N   1 
ATOM   221 C  CA  . THR A 1 36 ? -2.363  -6.722  12.743  1.00 47.87 ? 24  THR A CA  1 
ATOM   222 C  C   . THR A 1 36 ? -1.329  -5.672  12.385  1.00 45.54 ? 24  THR A C   1 
ATOM   223 O  O   . THR A 1 36 ? -0.343  -5.491  13.097  1.00 45.64 ? 24  THR A O   1 
ATOM   224 C  CB  . THR A 1 36 ? -2.529  -6.785  14.274  1.00 48.73 ? 24  THR A CB  1 
ATOM   225 O  OG1 . THR A 1 36 ? -3.687  -7.561  14.604  1.00 55.88 ? 24  THR A OG1 1 
ATOM   226 C  CG2 . THR A 1 36 ? -2.900  -5.394  14.826  1.00 51.86 ? 24  THR A CG2 1 
ATOM   227 N  N   . VAL A 1 37 ? -1.609  -4.945  11.309  1.00 41.46 ? 25  VAL A N   1 
ATOM   228 C  CA  . VAL A 1 37 ? -0.713  -3.954  10.760  1.00 37.88 ? 25  VAL A CA  1 
ATOM   229 C  C   . VAL A 1 37 ? -0.821  -2.583  11.439  1.00 36.46 ? 25  VAL A C   1 
ATOM   230 O  O   . VAL A 1 37 ? -1.917  -2.038  11.577  1.00 35.53 ? 25  VAL A O   1 
ATOM   231 C  CB  . VAL A 1 37 ? -0.963  -3.846  9.243   1.00 38.35 ? 25  VAL A CB  1 
ATOM   232 C  CG1 . VAL A 1 37 ? -0.333  -2.619  8.653   1.00 39.85 ? 25  VAL A CG1 1 
ATOM   233 C  CG2 . VAL A 1 37 ? -0.445  -5.101  8.554   1.00 33.15 ? 25  VAL A CG2 1 
ATOM   234 N  N   . ASP A 1 38 ? 0.325   -2.039  11.851  1.00 33.60 ? 26  ASP A N   1 
ATOM   235 C  CA  . ASP A 1 38 ? 0.447   -0.635  12.205  1.00 35.05 ? 26  ASP A CA  1 
ATOM   236 C  C   . ASP A 1 38 ? 1.058   0.124   11.019  1.00 36.04 ? 26  ASP A C   1 
ATOM   237 O  O   . ASP A 1 38 ? 2.062   -0.287  10.458  1.00 38.45 ? 26  ASP A O   1 
ATOM   238 C  CB  . ASP A 1 38 ? 1.310   -0.498  13.453  1.00 34.72 ? 26  ASP A CB  1 
ATOM   239 C  CG  . ASP A 1 38 ? 1.402   0.937   13.979  1.00 42.06 ? 26  ASP A CG  1 
ATOM   240 O  OD1 . ASP A 1 38 ? 1.518   1.895   13.200  1.00 51.42 ? 26  ASP A OD1 1 
ATOM   241 O  OD2 . ASP A 1 38 ? 1.402   1.212   15.188  1.00 53.63 ? 26  ASP A OD2 1 
ATOM   242 N  N   . GLU A 1 39 ? 0.418   1.216   10.623  1.00 35.04 ? 27  GLU A N   1 
ATOM   243 C  CA  . GLU A 1 39 ? 0.927   2.140   9.621   1.00 34.93 ? 27  GLU A CA  1 
ATOM   244 C  C   . GLU A 1 39 ? 2.380   2.595   9.790   1.00 33.79 ? 27  GLU A C   1 
ATOM   245 O  O   . GLU A 1 39 ? 3.034   2.967   8.810   1.00 32.78 ? 27  GLU A O   1 
ATOM   246 C  CB  . GLU A 1 39 ? 0.101   3.404   9.690   1.00 36.72 ? 27  GLU A CB  1 
ATOM   247 C  CG  . GLU A 1 39 ? -0.932  3.562   8.612   1.00 41.10 ? 27  GLU A CG  1 
ATOM   248 C  CD  . GLU A 1 39 ? -1.553  4.938   8.659   1.00 46.71 ? 27  GLU A CD  1 
ATOM   249 O  OE1 . GLU A 1 39 ? -0.848  5.897   9.038   1.00 61.54 ? 27  GLU A OE1 1 
ATOM   250 O  OE2 . GLU A 1 39 ? -2.748  5.069   8.339   1.00 58.84 ? 27  GLU A OE2 1 
ATOM   251 N  N   . GLU A 1 40 ? 2.855   2.616   11.030  1.00 31.41 ? 28  GLU A N   1 
ATOM   252 C  CA  . GLU A 1 40 ? 4.189   3.083   11.355  1.00 32.14 ? 28  GLU A CA  1 
ATOM   253 C  C   . GLU A 1 40 ? 5.271   2.056   11.089  1.00 31.58 ? 28  GLU A C   1 
ATOM   254 O  O   . GLU A 1 40 ? 6.438   2.409   11.095  1.00 32.12 ? 28  GLU A O   1 
ATOM   255 C  CB  . GLU A 1 40 ? 4.275   3.525   12.823  1.00 33.06 ? 28  GLU A CB  1 
ATOM   256 C  CG  . GLU A 1 40 ? 3.526   4.812   13.150  1.00 41.65 ? 28  GLU A CG  1 
ATOM   257 C  CD  . GLU A 1 40 ? 3.989   6.012   12.324  1.00 52.71 ? 28  GLU A CD  1 
ATOM   258 O  OE1 . GLU A 1 40 ? 5.221   6.228   12.205  1.00 51.55 ? 28  GLU A OE1 1 
ATOM   259 O  OE2 . GLU A 1 40 ? 3.117   6.751   11.798  1.00 54.59 ? 28  GLU A OE2 1 
ATOM   260 N  N   . ASN A 1 41 ? 4.889   0.796   10.886  1.00 29.97 ? 29  ASN A N   1 
ATOM   261 C  CA  . ASN A 1 41 ? 5.832   -0.258  10.501  1.00 30.49 ? 29  ASN A CA  1 
ATOM   262 C  C   . ASN A 1 41 ? 6.487   0.015   9.154   1.00 31.66 ? 29  ASN A C   1 
ATOM   263 O  O   . ASN A 1 41 ? 5.815   0.412   8.192   1.00 30.17 ? 29  ASN A O   1 
ATOM   264 C  CB  . ASN A 1 41 ? 5.131   -1.622  10.348  1.00 31.30 ? 29  ASN A CB  1 
ATOM   265 C  CG  . ASN A 1 41 ? 4.442   -2.106  11.619  1.00 38.97 ? 29  ASN A CG  1 
ATOM   266 O  OD1 . ASN A 1 41 ? 3.322   -2.657  11.569  1.00 45.93 ? 29  ASN A OD1 1 
ATOM   267 N  ND2 . ASN A 1 41 ? 5.096   -1.917  12.749  1.00 32.81 ? 29  ASN A ND2 1 
ATOM   268 N  N   . THR A 1 42 ? 7.780   -0.266  9.057   1.00 30.31 ? 30  THR A N   1 
ATOM   269 C  CA  . THR A 1 42 ? 8.439   -0.224  7.766   1.00 27.49 ? 30  THR A CA  1 
ATOM   270 C  C   . THR A 1 42 ? 8.072   -1.478  7.008   1.00 26.78 ? 30  THR A C   1 
ATOM   271 O  O   . THR A 1 42 ? 7.772   -2.521  7.597   1.00 27.39 ? 30  THR A O   1 
ATOM   272 C  CB  . THR A 1 42 ? 9.943   -0.129  7.935   1.00 26.30 ? 30  THR A CB  1 
ATOM   273 O  OG1 . THR A 1 42 ? 10.421  -1.314  8.579   1.00 28.14 ? 30  THR A OG1 1 
ATOM   274 C  CG2 . THR A 1 42 ? 10.285  0.944   8.958   1.00 27.70 ? 30  THR A CG2 1 
ATOM   275 N  N   . PHE A 1 43 ? 8.098   -1.393  5.691   1.00 27.41 ? 31  PHE A N   1 
ATOM   276 C  CA  . PHE A 1 43 ? 7.857   -2.594  4.908   1.00 27.98 ? 31  PHE A CA  1 
ATOM   277 C  C   . PHE A 1 43 ? 8.920   -3.617  5.152   1.00 27.45 ? 31  PHE A C   1 
ATOM   278 O  O   . PHE A 1 43 ? 8.649   -4.812  5.153   1.00 29.86 ? 31  PHE A O   1 
ATOM   279 C  CB  . PHE A 1 43 ? 7.776   -2.259  3.433   1.00 27.89 ? 31  PHE A CB  1 
ATOM   280 C  CG  . PHE A 1 43 ? 6.449   -1.777  3.040   1.00 28.61 ? 31  PHE A CG  1 
ATOM   281 C  CD1 . PHE A 1 43 ? 5.392   -2.670  2.922   1.00 30.80 ? 31  PHE A CD1 1 
ATOM   282 C  CD2 . PHE A 1 43 ? 6.232   -0.428  2.823   1.00 29.45 ? 31  PHE A CD2 1 
ATOM   283 C  CE1 . PHE A 1 43 ? 4.132   -2.228  2.593   1.00 29.20 ? 31  PHE A CE1 1 
ATOM   284 C  CE2 . PHE A 1 43 ? 4.976   0.035   2.472   1.00 28.56 ? 31  PHE A CE2 1 
ATOM   285 C  CZ  . PHE A 1 43 ? 3.926   -0.864  2.357   1.00 30.52 ? 31  PHE A CZ  1 
ATOM   286 N  N   . LYS A 1 44 ? 10.132  -3.118  5.371   1.00 29.13 ? 32  LYS A N   1 
ATOM   287 C  CA  . LYS A 1 44 ? 11.291  -3.926  5.626   1.00 31.06 ? 32  LYS A CA  1 
ATOM   288 C  C   . LYS A 1 44 ? 11.040  -4.774  6.848   1.00 30.91 ? 32  LYS A C   1 
ATOM   289 O  O   . LYS A 1 44 ? 11.242  -5.984  6.815   1.00 30.76 ? 32  LYS A O   1 
ATOM   290 C  CB  . LYS A 1 44 ? 12.520  -3.033  5.839   1.00 30.48 ? 32  LYS A CB  1 
ATOM   291 C  CG  . LYS A 1 44 ? 13.758  -3.769  6.294   1.00 33.96 ? 32  LYS A CG  1 
ATOM   292 C  CD  . LYS A 1 44 ? 14.991  -2.905  6.116   1.00 38.04 ? 32  LYS A CD  1 
ATOM   293 C  CE  . LYS A 1 44 ? 16.262  -3.715  6.310   1.00 43.41 ? 32  LYS A CE  1 
ATOM   294 N  NZ  . LYS A 1 44 ? 16.645  -3.827  7.735   1.00 44.40 ? 32  LYS A NZ  1 
ATOM   295 N  N   . GLU A 1 45 ? 10.591  -4.155  7.931   1.00 29.60 ? 33  GLU A N   1 
ATOM   296 C  CA  . GLU A 1 45 ? 10.305  -4.945  9.106   1.00 31.50 ? 33  GLU A CA  1 
ATOM   297 C  C   . GLU A 1 45 ? 9.145   -5.926  8.920   1.00 31.04 ? 33  GLU A C   1 
ATOM   298 O  O   . GLU A 1 45 ? 9.112   -6.948  9.571   1.00 32.00 ? 33  GLU A O   1 
ATOM   299 C  CB  . GLU A 1 45 ? 10.134  -4.082  10.355  1.00 33.71 ? 33  GLU A CB  1 
ATOM   300 C  CG  . GLU A 1 45 ? 8.755   -3.505  10.566  1.00 35.95 ? 33  GLU A CG  1 
ATOM   301 C  CD  . GLU A 1 45 ? 8.744   -2.566  11.747  1.00 35.30 ? 33  GLU A CD  1 
ATOM   302 O  OE1 . GLU A 1 45 ? 9.059   -3.009  12.871  1.00 49.92 ? 33  GLU A OE1 1 
ATOM   303 O  OE2 . GLU A 1 45 ? 8.447   -1.375  11.554  1.00 43.67 ? 33  GLU A OE2 1 
ATOM   304 N  N   . LEU A 1 46 ? 8.210   -5.633  8.030   1.00 30.81 ? 34  LEU A N   1 
ATOM   305 C  CA  . LEU A 1 46 ? 7.134   -6.589  7.741   1.00 31.94 ? 34  LEU A CA  1 
ATOM   306 C  C   . LEU A 1 46 ? 7.584   -7.738  6.844   1.00 32.28 ? 34  LEU A C   1 
ATOM   307 O  O   . LEU A 1 46 ? 6.789   -8.620  6.522   1.00 35.82 ? 34  LEU A O   1 
ATOM   308 C  CB  . LEU A 1 46 ? 5.930   -5.888  7.115   1.00 29.29 ? 34  LEU A CB  1 
ATOM   309 C  CG  . LEU A 1 46 ? 5.255   -4.909  8.061   1.00 27.19 ? 34  LEU A CG  1 
ATOM   310 C  CD1 . LEU A 1 46 ? 3.974   -4.449  7.449   1.00 29.83 ? 34  LEU A CD1 1 
ATOM   311 C  CD2 . LEU A 1 46 ? 4.976   -5.569  9.396   1.00 29.34 ? 34  LEU A CD2 1 
ATOM   312 N  N   . GLY A 1 47 ? 8.860   -7.720  6.457   1.00 31.90 ? 35  GLY A N   1 
ATOM   313 C  CA  . GLY A 1 47 ? 9.446   -8.701  5.540   1.00 30.86 ? 35  GLY A CA  1 
ATOM   314 C  C   . GLY A 1 47 ? 9.207   -8.445  4.065   1.00 30.05 ? 35  GLY A C   1 
ATOM   315 O  O   . GLY A 1 47 ? 9.211   -9.372  3.288   1.00 30.96 ? 35  GLY A O   1 
ATOM   316 N  N   . PHE A 1 48 ? 8.963   -7.200  3.674   1.00 30.62 ? 36  PHE A N   1 
ATOM   317 C  CA  . PHE A 1 48 ? 8.802   -6.892  2.254   1.00 30.81 ? 36  PHE A CA  1 
ATOM   318 C  C   . PHE A 1 48 ? 10.108  -6.310  1.772   1.00 32.28 ? 36  PHE A C   1 
ATOM   319 O  O   . PHE A 1 48 ? 10.596  -5.324  2.338   1.00 36.07 ? 36  PHE A O   1 
ATOM   320 C  CB  . PHE A 1 48 ? 7.694   -5.860  2.022   1.00 32.18 ? 36  PHE A CB  1 
ATOM   321 C  CG  . PHE A 1 48 ? 6.302   -6.379  2.255   1.00 31.88 ? 36  PHE A CG  1 
ATOM   322 C  CD1 . PHE A 1 48 ? 5.838   -6.626  3.555   1.00 36.89 ? 36  PHE A CD1 1 
ATOM   323 C  CD2 . PHE A 1 48 ? 5.439   -6.572  1.194   1.00 36.13 ? 36  PHE A CD2 1 
ATOM   324 C  CE1 . PHE A 1 48 ? 4.535   -7.097  3.770   1.00 34.28 ? 36  PHE A CE1 1 
ATOM   325 C  CE2 . PHE A 1 48 ? 4.139   -7.038  1.393   1.00 38.22 ? 36  PHE A CE2 1 
ATOM   326 C  CZ  . PHE A 1 48 ? 3.683   -7.304  2.672   1.00 34.86 ? 36  PHE A CZ  1 
ATOM   327 N  N   . ASP A 1 49 ? 10.681  -6.894  0.732   1.00 28.66 ? 37  ASP A N   1 
ATOM   328 C  CA  . ASP A 1 49 ? 11.852  -6.285  0.121   1.00 27.88 ? 37  ASP A CA  1 
ATOM   329 C  C   . ASP A 1 49 ? 11.431  -5.340  -1.010  1.00 28.43 ? 37  ASP A C   1 
ATOM   330 O  O   . ASP A 1 49 ? 10.251  -5.077  -1.201  1.00 27.05 ? 37  ASP A O   1 
ATOM   331 C  CB  . ASP A 1 49 ? 12.873  -7.331  -0.332  1.00 27.69 ? 37  ASP A CB  1 
ATOM   332 C  CG  . ASP A 1 49 ? 12.463  -8.063  -1.609  1.00 28.16 ? 37  ASP A CG  1 
ATOM   333 O  OD1 . ASP A 1 49 ? 11.348  -7.864  -2.120  1.00 35.46 ? 37  ASP A OD1 1 
ATOM   334 O  OD2 . ASP A 1 49 ? 13.211  -8.863  -2.199  1.00 36.44 ? 37  ASP A OD2 1 
ATOM   335 N  N   . SER A 1 50 ? 12.411  -4.817  -1.736  1.00 27.07 ? 38  SER A N   1 
ATOM   336 C  CA  . SER A 1 50 ? 12.177  -3.759  -2.705  1.00 27.82 ? 38  SER A CA  1 
ATOM   337 C  C   . SER A 1 50 ? 11.288  -4.264  -3.833  1.00 28.92 ? 38  SER A C   1 
ATOM   338 O  O   . SER A 1 50 ? 10.450  -3.515  -4.337  1.00 29.78 ? 38  SER A O   1 
ATOM   339 C  CB  . SER A 1 50 ? 13.507  -3.203  -3.241  1.00 26.24 ? 38  SER A CB  1 
ATOM   340 O  OG  . SER A 1 50 ? 14.287  -4.235  -3.852  1.00 32.53 ? 38  SER A OG  1 
ATOM   341 N  N   . ILE A 1 51 ? 11.464  -5.539  -4.192  1.00 28.06 ? 39  ILE A N   1 
ATOM   342 C  CA  . ILE A 1 51 ? 10.695  -6.202  -5.236  1.00 28.56 ? 39  ILE A CA  1 
ATOM   343 C  C   . ILE A 1 51 ? 9.273   -6.426  -4.759  1.00 28.06 ? 39  ILE A C   1 
ATOM   344 O  O   . ILE A 1 51 ? 8.348   -6.293  -5.528  1.00 29.35 ? 39  ILE A O   1 
ATOM   345 C  CB  . ILE A 1 51 ? 11.336  -7.545  -5.630  1.00 28.02 ? 39  ILE A CB  1 
ATOM   346 C  CG1 . ILE A 1 51 ? 12.731  -7.324  -6.239  1.00 26.30 ? 39  ILE A CG1 1 
ATOM   347 C  CG2 . ILE A 1 51 ? 10.426  -8.307  -6.595  1.00 32.46 ? 39  ILE A CG2 1 
ATOM   348 C  CD1 . ILE A 1 51 ? 13.454  -8.599  -6.596  1.00 27.65 ? 39  ILE A CD1 1 
ATOM   349 N  N   . ASP A 1 52 ? 9.109   -6.759  -3.489  1.00 28.87 ? 40  ASP A N   1 
ATOM   350 C  CA  . ASP A 1 52 ? 7.778   -6.931  -2.922  1.00 31.39 ? 40  ASP A CA  1 
ATOM   351 C  C   . ASP A 1 52 ? 7.006   -5.604  -2.920  1.00 30.28 ? 40  ASP A C   1 
ATOM   352 O  O   . ASP A 1 52 ? 5.803   -5.595  -3.149  1.00 32.08 ? 40  ASP A O   1 
ATOM   353 C  CB  . ASP A 1 52 ? 7.854   -7.420  -1.485  1.00 30.52 ? 40  ASP A CB  1 
ATOM   354 C  CG  . ASP A 1 52 ? 8.324   -8.839  -1.364  1.00 29.16 ? 40  ASP A CG  1 
ATOM   355 O  OD1 . ASP A 1 52 ? 8.117   -9.662  -2.291  1.00 33.43 ? 40  ASP A OD1 1 
ATOM   356 O  OD2 . ASP A 1 52 ? 8.906   -9.217  -0.337  1.00 32.03 ? 40  ASP A OD2 1 
ATOM   357 N  N   . VAL A 1 53 ? 7.691   -4.508  -2.601  1.00 30.75 ? 41  VAL A N   1 
ATOM   358 C  CA  . VAL A 1 53 ? 7.066   -3.197  -2.645  1.00 27.00 ? 41  VAL A CA  1 
ATOM   359 C  C   . VAL A 1 53 ? 6.562   -2.865  -4.050  1.00 29.02 ? 41  VAL A C   1 
ATOM   360 O  O   . VAL A 1 53 ? 5.458   -2.372  -4.184  1.00 28.98 ? 41  VAL A O   1 
ATOM   361 C  CB  . VAL A 1 53 ? 7.963   -2.113  -2.105  1.00 27.39 ? 41  VAL A CB  1 
ATOM   362 C  CG1 . VAL A 1 53 ? 7.359   -0.738  -2.383  1.00 26.90 ? 41  VAL A CG1 1 
ATOM   363 C  CG2 . VAL A 1 53 ? 8.135   -2.313  -0.618  1.00 28.98 ? 41  VAL A CG2 1 
ATOM   364 N  N   . ILE A 1 54 ? 7.374   -3.125  -5.078  1.00 27.53 ? 42  ILE A N   1 
ATOM   365 C  CA  . ILE A 1 54 ? 6.960   -2.963  -6.486  1.00 28.14 ? 42  ILE A CA  1 
ATOM   366 C  C   . ILE A 1 54 ? 5.718   -3.810  -6.817  1.00 27.95 ? 42  ILE A C   1 
ATOM   367 O  O   . ILE A 1 54 ? 4.791   -3.299  -7.427  1.00 29.30 ? 42  ILE A O   1 
ATOM   368 C  CB  . ILE A 1 54 ? 8.125   -3.305  -7.442  1.00 27.80 ? 42  ILE A CB  1 
ATOM   369 C  CG1 . ILE A 1 54 ? 9.232   -2.275  -7.320  1.00 25.38 ? 42  ILE A CG1 1 
ATOM   370 C  CG2 . ILE A 1 54 ? 7.633   -3.472  -8.891  1.00 28.73 ? 42  ILE A CG2 1 
ATOM   371 C  CD1 . ILE A 1 54 ? 10.556  -2.684  -7.929  1.00 26.94 ? 42  ILE A CD1 1 
ATOM   372 N  N   . ASP A 1 55 ? 5.692   -5.081  -6.407  1.00 26.67 ? 43  ASP A N   1 
ATOM   373 C  CA  . ASP A 1 55 ? 4.527   -5.936  -6.658  1.00 26.10 ? 43  ASP A CA  1 
ATOM   374 C  C   . ASP A 1 55 ? 3.306   -5.381  -5.931  1.00 26.79 ? 43  ASP A C   1 
ATOM   375 O  O   . ASP A 1 55 ? 2.244   -5.248  -6.512  1.00 26.92 ? 43  ASP A O   1 
ATOM   376 C  CB  . ASP A 1 55 ? 4.757   -7.379  -6.221  1.00 27.12 ? 43  ASP A CB  1 
ATOM   377 C  CG  . ASP A 1 55 ? 5.586   -8.175  -7.208  1.00 29.67 ? 43  ASP A CG  1 
ATOM   378 O  OD1 . ASP A 1 55 ? 5.318   -8.155  -8.443  1.00 35.10 ? 43  ASP A OD1 1 
ATOM   379 O  OD2 . ASP A 1 55 ? 6.528   -8.895  -6.818  1.00 34.75 ? 43  ASP A OD2 1 
ATOM   380 N  N   . LEU A 1 56 ? 3.455   -5.075  -4.651  1.00 26.04 ? 44  LEU A N   1 
ATOM   381 C  CA  . LEU A 1 56 ? 2.393   -4.431  -3.870  1.00 31.00 ? 44  LEU A CA  1 
ATOM   382 C  C   . LEU A 1 56 ? 1.831   -3.178  -4.552  1.00 29.50 ? 44  LEU A C   1 
ATOM   383 O  O   . LEU A 1 56 ? 0.618   -3.017  -4.636  1.00 29.94 ? 44  LEU A O   1 
ATOM   384 C  CB  . LEU A 1 56 ? 2.903   -4.061  -2.479  1.00 31.33 ? 44  LEU A CB  1 
ATOM   385 C  CG  . LEU A 1 56 ? 1.907   -3.567  -1.442  1.00 37.72 ? 44  LEU A CG  1 
ATOM   386 C  CD1 . LEU A 1 56 ? 0.897   -4.636  -1.116  1.00 40.80 ? 44  LEU A CD1 1 
ATOM   387 C  CD2 . LEU A 1 56 ? 2.705   -3.215  -0.236  1.00 42.23 ? 44  LEU A CD2 1 
ATOM   388 N  N   . VAL A 1 57 ? 2.711   -2.316  -5.054  1.00 29.84 ? 45  VAL A N   1 
ATOM   389 C  CA  . VAL A 1 57 ? 2.305   -1.051  -5.695  1.00 28.42 ? 45  VAL A CA  1 
ATOM   390 C  C   . VAL A 1 57 ? 1.511   -1.355  -6.974  1.00 30.12 ? 45  VAL A C   1 
ATOM   391 O  O   . VAL A 1 57 ? 0.454   -0.775  -7.185  1.00 32.41 ? 45  VAL A O   1 
ATOM   392 C  CB  . VAL A 1 57 ? 3.526   -0.129  -5.952  1.00 27.31 ? 45  VAL A CB  1 
ATOM   393 C  CG1 . VAL A 1 57 ? 3.212   0.988   -6.929  1.00 27.56 ? 45  VAL A CG1 1 
ATOM   394 C  CG2 . VAL A 1 57 ? 4.069   0.442   -4.620  1.00 27.85 ? 45  VAL A CG2 1 
HETATM 395 N  N   . MSE A 1 58 ? 1.991   -2.300  -7.786  1.00 27.68 ? 46  MSE A N   1 
HETATM 396 C  CA  . MSE A 1 58 ? 1.321   -2.657  -9.022  1.00 32.02 ? 46  MSE A CA  1 
HETATM 397 C  C   . MSE A 1 58 ? -0.043  -3.280  -8.750  1.00 31.75 ? 46  MSE A C   1 
HETATM 398 O  O   . MSE A 1 58 ? -0.975  -3.087  -9.535  1.00 32.29 ? 46  MSE A O   1 
HETATM 399 C  CB  . MSE A 1 58 ? 2.181   -3.570  -9.873  1.00 29.98 ? 46  MSE A CB  1 
HETATM 400 C  CG  . MSE A 1 58 ? 3.361   -2.868  -10.477 1.00 31.24 ? 46  MSE A CG  1 
HETATM 401 SE SE  . MSE A 1 58 ? 4.652   -4.159  -11.271 1.00 35.92 ? 46  MSE A SE  1 
HETATM 402 C  CE  . MSE A 1 58 ? 3.669   -4.538  -12.958 1.00 27.89 ? 46  MSE A CE  1 
ATOM   403 N  N   . PHE A 1 59 ? -0.170  -3.988  -7.627  1.00 29.91 ? 47  PHE A N   1 
ATOM   404 C  CA  . PHE A 1 59 ? -1.480  -4.538  -7.222  1.00 30.87 ? 47  PHE A CA  1 
ATOM   405 C  C   . PHE A 1 59 ? -2.453  -3.424  -6.802  1.00 29.19 ? 47  PHE A C   1 
ATOM   406 O  O   . PHE A 1 59 ? -3.602  -3.451  -7.198  1.00 30.00 ? 47  PHE A O   1 
ATOM   407 C  CB  . PHE A 1 59 ? -1.385  -5.577  -6.099  1.00 28.68 ? 47  PHE A CB  1 
ATOM   408 C  CG  . PHE A 1 59 ? -0.809  -6.928  -6.518  1.00 27.97 ? 47  PHE A CG  1 
ATOM   409 C  CD1 . PHE A 1 59 ? -1.311  -7.624  -7.606  1.00 27.59 ? 47  PHE A CD1 1 
ATOM   410 C  CD2 . PHE A 1 59 ? 0.204   -7.520  -5.752  1.00 28.03 ? 47  PHE A CD2 1 
ATOM   411 C  CE1 . PHE A 1 59 ? -0.781  -8.859  -7.953  1.00 32.60 ? 47  PHE A CE1 1 
ATOM   412 C  CE2 . PHE A 1 59 ? 0.714   -8.746  -6.086  1.00 35.39 ? 47  PHE A CE2 1 
ATOM   413 C  CZ  . PHE A 1 59 ? 0.233   -9.410  -7.187  1.00 29.57 ? 47  PHE A CZ  1 
ATOM   414 N  N   . PHE A 1 60 ? -1.996  -2.460  -6.014  1.00 26.11 ? 48  PHE A N   1 
ATOM   415 C  CA  . PHE A 1 60 ? -2.798  -1.279  -5.702  1.00 26.15 ? 48  PHE A CA  1 
ATOM   416 C  C   . PHE A 1 60 ? -3.157  -0.472  -6.956  1.00 26.82 ? 48  PHE A C   1 
ATOM   417 O  O   . PHE A 1 60 ? -4.284  -0.015  -7.109  1.00 26.95 ? 48  PHE A O   1 
ATOM   418 C  CB  . PHE A 1 60 ? -2.087  -0.384  -4.697  1.00 25.03 ? 48  PHE A CB  1 
ATOM   419 C  CG  . PHE A 1 60 ? -2.416  -0.713  -3.268  1.00 24.89 ? 48  PHE A CG  1 
ATOM   420 C  CD1 . PHE A 1 60 ? -3.586  -0.241  -2.685  1.00 30.31 ? 48  PHE A CD1 1 
ATOM   421 C  CD2 . PHE A 1 60 ? -1.589  -1.508  -2.528  1.00 27.35 ? 48  PHE A CD2 1 
ATOM   422 C  CE1 . PHE A 1 60 ? -3.905  -0.537  -1.377  1.00 39.53 ? 48  PHE A CE1 1 
ATOM   423 C  CE2 . PHE A 1 60 ? -1.911  -1.831  -1.191  1.00 26.86 ? 48  PHE A CE2 1 
ATOM   424 C  CZ  . PHE A 1 60 ? -3.075  -1.355  -0.628  1.00 29.73 ? 48  PHE A CZ  1 
ATOM   425 N  N   . GLU A 1 61 ? -2.202  -0.301  -7.852  1.00 27.69 ? 49  GLU A N   1 
ATOM   426 C  CA  . GLU A 1 61 ? -2.455  0.388   -9.107  1.00 23.46 ? 49  GLU A CA  1 
ATOM   427 C  C   . GLU A 1 61 ? -3.623  -0.231  -9.878  1.00 26.96 ? 49  GLU A C   1 
ATOM   428 O  O   . GLU A 1 61 ? -4.470  0.464   -10.446 1.00 27.92 ? 49  GLU A O   1 
ATOM   429 C  CB  . GLU A 1 61 ? -1.201  0.359   -9.966  1.00 26.22 ? 49  GLU A CB  1 
ATOM   430 C  CG  . GLU A 1 61 ? -0.052  1.233   -9.500  1.00 27.49 ? 49  GLU A CG  1 
ATOM   431 C  CD  . GLU A 1 61 ? 1.088   1.321   -10.522 1.00 29.10 ? 49  GLU A CD  1 
ATOM   432 O  OE1 . GLU A 1 61 ? 1.497   0.290   -11.098 1.00 43.86 ? 49  GLU A OE1 1 
ATOM   433 O  OE2 . GLU A 1 61 ? 1.586   2.435   -10.749 1.00 34.34 ? 49  GLU A OE2 1 
ATOM   434 N  N   . ASP A 1 62 ? -3.638  -1.550  -9.946  1.00 26.99 ? 50  ASP A N   1 
ATOM   435 C  CA  . ASP A 1 62 ? -4.623  -2.244  -10.741 1.00 27.33 ? 50  ASP A CA  1 
ATOM   436 C  C   . ASP A 1 62 ? -5.966  -2.192  -10.029 1.00 29.99 ? 50  ASP A C   1 
ATOM   437 O  O   . ASP A 1 62 ? -6.997  -2.006  -10.686 1.00 29.40 ? 50  ASP A O   1 
ATOM   438 C  CB  . ASP A 1 62 ? -4.199  -3.689  -10.939 1.00 28.29 ? 50  ASP A CB  1 
ATOM   439 C  CG  . ASP A 1 62 ? -5.094  -4.436  -11.910 1.00 25.92 ? 50  ASP A CG  1 
ATOM   440 O  OD1 . ASP A 1 62 ? -5.429  -3.873  -12.977 1.00 26.52 ? 50  ASP A OD1 1 
ATOM   441 O  OD2 . ASP A 1 62 ? -5.487  -5.604  -11.697 1.00 26.55 ? 50  ASP A OD2 1 
ATOM   442 N  N   . GLU A 1 63 ? -5.947  -2.336  -8.693  1.00 25.81 ? 51  GLU A N   1 
ATOM   443 C  CA  . GLU A 1 63 ? -7.166  -2.361  -7.901  1.00 29.71 ? 51  GLU A CA  1 
ATOM   444 C  C   . GLU A 1 63 ? -7.855  -1.024  -7.964  1.00 28.98 ? 51  GLU A C   1 
ATOM   445 O  O   . GLU A 1 63 ? -9.077  -0.959  -7.920  1.00 29.41 ? 51  GLU A O   1 
ATOM   446 C  CB  . GLU A 1 63 ? -6.878  -2.637  -6.422  1.00 28.33 ? 51  GLU A CB  1 
ATOM   447 C  CG  . GLU A 1 63 ? -6.748  -4.097  -6.050  1.00 47.93 ? 51  GLU A CG  1 
ATOM   448 C  CD  . GLU A 1 63 ? -8.032  -4.876  -6.254  1.00 57.60 ? 51  GLU A CD  1 
ATOM   449 O  OE1 . GLU A 1 63 ? -9.092  -4.429  -5.772  1.00 55.84 ? 51  GLU A OE1 1 
ATOM   450 O  OE2 . GLU A 1 63 ? -7.967  -5.941  -6.903  1.00 68.45 ? 51  GLU A OE2 1 
ATOM   451 N  N   . PHE A 1 64 ? -7.078  0.054   -8.006  1.00 28.21 ? 52  PHE A N   1 
ATOM   452 C  CA  . PHE A 1 64 ? -7.666  1.377   -7.866  1.00 26.59 ? 52  PHE A CA  1 
ATOM   453 C  C   . PHE A 1 64 ? -7.579  2.192   -9.138  1.00 27.63 ? 52  PHE A C   1 
ATOM   454 O  O   . PHE A 1 64 ? -7.938  3.358   -9.136  1.00 28.20 ? 52  PHE A O   1 
ATOM   455 C  CB  . PHE A 1 64 ? -7.042  2.118   -6.687  1.00 25.74 ? 52  PHE A CB  1 
ATOM   456 C  CG  . PHE A 1 64 ? -7.405  1.518   -5.355  1.00 29.20 ? 52  PHE A CG  1 
ATOM   457 C  CD1 . PHE A 1 64 ? -8.682  1.674   -4.829  1.00 28.79 ? 52  PHE A CD1 1 
ATOM   458 C  CD2 . PHE A 1 64 ? -6.490  0.769   -4.651  1.00 29.60 ? 52  PHE A CD2 1 
ATOM   459 C  CE1 . PHE A 1 64 ? -9.029  1.088   -3.592  1.00 36.23 ? 52  PHE A CE1 1 
ATOM   460 C  CE2 . PHE A 1 64 ? -6.836  0.175   -3.406  1.00 31.57 ? 52  PHE A CE2 1 
ATOM   461 C  CZ  . PHE A 1 64 ? -8.113  0.345   -2.893  1.00 29.18 ? 52  PHE A CZ  1 
ATOM   462 N  N   . ALA A 1 65 ? -7.127  1.568   -10.225 1.00 29.88 ? 53  ALA A N   1 
ATOM   463 C  CA  . ALA A 1 65 ? -6.951  2.258   -11.505 1.00 29.45 ? 53  ALA A CA  1 
ATOM   464 C  C   . ALA A 1 65 ? -6.106  3.525   -11.319 1.00 31.27 ? 53  ALA A C   1 
ATOM   465 O  O   . ALA A 1 65 ? -6.516  4.612   -11.721 1.00 30.14 ? 53  ALA A O   1 
ATOM   466 C  CB  . ALA A 1 65 ? -8.305  2.579   -12.126 1.00 30.81 ? 53  ALA A CB  1 
ATOM   467 N  N   . LEU A 1 66 ? -4.947  3.361   -10.669 1.00 30.46 ? 54  LEU A N   1 
ATOM   468 C  CA  . LEU A 1 66 ? -4.000  4.438   -10.358 1.00 30.88 ? 54  LEU A CA  1 
ATOM   469 C  C   . LEU A 1 66 ? -2.723  4.202   -11.126 1.00 32.18 ? 54  LEU A C   1 
ATOM   470 O  O   . LEU A 1 66 ? -2.514  3.133   -11.671 1.00 32.47 ? 54  LEU A O   1 
ATOM   471 C  CB  . LEU A 1 66 ? -3.612  4.423   -8.869  1.00 28.01 ? 54  LEU A CB  1 
ATOM   472 C  CG  . LEU A 1 66 ? -4.742  4.506   -7.882  1.00 24.21 ? 54  LEU A CG  1 
ATOM   473 C  CD1 . LEU A 1 66 ? -4.204  4.569   -6.466  1.00 30.33 ? 54  LEU A CD1 1 
ATOM   474 C  CD2 . LEU A 1 66 ? -5.541  5.742   -8.181  1.00 36.39 ? 54  LEU A CD2 1 
ATOM   475 N  N   . ARG A 1 67 ? -1.889  5.235   -11.186 1.00 33.49 ? 55  ARG A N   1 
ATOM   476 C  CA  . ARG A 1 67 ? -0.508  5.100   -11.605 1.00 33.53 ? 55  ARG A CA  1 
ATOM   477 C  C   . ARG A 1 67 ? 0.342   5.729   -10.520 1.00 32.75 ? 55  ARG A C   1 
ATOM   478 O  O   . ARG A 1 67 ? 0.056   6.834   -10.076 1.00 34.10 ? 55  ARG A O   1 
ATOM   479 C  CB  . ARG A 1 67 ? -0.267  5.777   -12.944 1.00 34.89 ? 55  ARG A CB  1 
ATOM   480 C  CG  . ARG A 1 67 ? -0.162  4.790   -14.114 1.00 41.59 ? 55  ARG A CG  1 
ATOM   481 N  N   . ILE A 1 68 ? 1.340   4.987   -10.051 1.00 31.39 ? 56  ILE A N   1 
ATOM   482 C  CA  . ILE A 1 68 ? 2.309   5.488   -9.085  1.00 30.05 ? 56  ILE A CA  1 
ATOM   483 C  C   . ILE A 1 68 ? 3.682   5.482   -9.745  1.00 29.91 ? 56  ILE A C   1 
ATOM   484 O  O   . ILE A 1 68 ? 4.167   4.440   -10.175 1.00 30.15 ? 56  ILE A O   1 
ATOM   485 C  CB  . ILE A 1 68 ? 2.267   4.648   -7.804  1.00 29.23 ? 56  ILE A CB  1 
ATOM   486 C  CG1 . ILE A 1 68 ? 0.874   4.796   -7.158  1.00 28.50 ? 56  ILE A CG1 1 
ATOM   487 C  CG2 . ILE A 1 68 ? 3.377   5.076   -6.849  1.00 28.85 ? 56  ILE A CG2 1 
ATOM   488 C  CD1 . ILE A 1 68 ? 0.566   3.796   -6.033  1.00 30.43 ? 56  ILE A CD1 1 
ATOM   489 N  N   . GLU A 1 69 ? 4.279   6.665   -9.847  1.00 30.94 ? 57  GLU A N   1 
ATOM   490 C  CA  . GLU A 1 69 ? 5.560   6.877   -10.523 1.00 32.37 ? 57  GLU A CA  1 
ATOM   491 C  C   . GLU A 1 69 ? 6.687   6.164   -9.799  1.00 30.51 ? 57  GLU A C   1 
ATOM   492 O  O   . GLU A 1 69 ? 6.618   5.971   -8.594  1.00 31.47 ? 57  GLU A O   1 
ATOM   493 C  CB  . GLU A 1 69 ? 5.872   8.381   -10.643 1.00 31.18 ? 57  GLU A CB  1 
ATOM   494 C  CG  . GLU A 1 69 ? 4.703   9.250   -11.105 1.00 40.35 ? 57  GLU A CG  1 
ATOM   495 C  CD  . GLU A 1 69 ? 4.026   8.747   -12.387 1.00 57.86 ? 57  GLU A CD  1 
ATOM   496 O  OE1 . GLU A 1 69 ? 4.730   8.300   -13.330 1.00 65.50 ? 57  GLU A OE1 1 
ATOM   497 O  OE2 . GLU A 1 69 ? 2.773   8.805   -12.463 1.00 60.75 ? 57  GLU A OE2 1 
ATOM   498 N  N   . ASP A 1 70 ? 7.719   5.785   -10.545 1.00 32.00 ? 58  ASP A N   1 
ATOM   499 C  CA  . ASP A 1 70 ? 8.831   4.988   -10.021 1.00 33.06 ? 58  ASP A CA  1 
ATOM   500 C  C   . ASP A 1 70 ? 9.585   5.720   -8.942  1.00 30.91 ? 58  ASP A C   1 
ATOM   501 O  O   . ASP A 1 70 ? 10.021  5.114   -7.968  1.00 32.23 ? 58  ASP A O   1 
ATOM   502 C  CB  . ASP A 1 70 ? 9.791   4.589   -11.142 1.00 35.13 ? 58  ASP A CB  1 
ATOM   503 C  CG  . ASP A 1 70 ? 9.195   3.545   -12.080 1.00 43.97 ? 58  ASP A CG  1 
ATOM   504 O  OD1 . ASP A 1 70 ? 8.278   2.795   -11.653 1.00 48.29 ? 58  ASP A OD1 1 
ATOM   505 O  OD2 . ASP A 1 70 ? 9.588   3.389   -13.262 1.00 54.86 ? 58  ASP A OD2 1 
ATOM   506 N  N   . GLU A 1 71 ? 9.715   7.025   -9.111  1.00 28.92 ? 59  GLU A N   1 
ATOM   507 C  CA  . GLU A 1 71 ? 10.390  7.835   -8.131  1.00 31.20 ? 59  GLU A CA  1 
ATOM   508 C  C   . GLU A 1 71 ? 9.691   7.763   -6.782  1.00 30.29 ? 59  GLU A C   1 
ATOM   509 O  O   . GLU A 1 71 ? 10.357  7.696   -5.756  1.00 33.04 ? 59  GLU A O   1 
ATOM   510 C  CB  . GLU A 1 71 ? 10.511  9.288   -8.603  1.00 32.51 ? 59  GLU A CB  1 
ATOM   511 C  CG  . GLU A 1 71 ? 9.179   10.018  -8.705  1.00 38.90 ? 59  GLU A CG  1 
ATOM   512 N  N   . GLU A 1 72 ? 8.358   7.784   -6.783  1.00 30.20 ? 60  GLU A N   1 
ATOM   513 C  CA  . GLU A 1 72 ? 7.564   7.703   -5.558  1.00 29.99 ? 60  GLU A CA  1 
ATOM   514 C  C   . GLU A 1 72 ? 7.684   6.322   -4.906  1.00 31.15 ? 60  GLU A C   1 
ATOM   515 O  O   . GLU A 1 72 ? 7.731   6.214   -3.679  1.00 33.32 ? 60  GLU A O   1 
ATOM   516 C  CB  . GLU A 1 72 ? 6.088   8.001   -5.844  1.00 29.08 ? 60  GLU A CB  1 
ATOM   517 C  CG  . GLU A 1 72 ? 5.821   9.305   -6.582  1.00 37.82 ? 60  GLU A CG  1 
ATOM   518 C  CD  . GLU A 1 72 ? 4.489   9.294   -7.334  1.00 50.05 ? 60  GLU A CD  1 
ATOM   519 O  OE1 . GLU A 1 72 ? 3.988   8.206   -7.679  1.00 57.89 ? 60  GLU A OE1 1 
ATOM   520 O  OE2 . GLU A 1 72 ? 3.935   10.374  -7.606  1.00 53.40 ? 60  GLU A OE2 1 
ATOM   521 N  N   . ILE A 1 73 ? 7.706   5.263   -5.719  1.00 29.53 ? 61  ILE A N   1 
ATOM   522 C  CA  . ILE A 1 73 ? 7.862   3.902   -5.197  1.00 28.31 ? 61  ILE A CA  1 
ATOM   523 C  C   . ILE A 1 73 ? 9.142   3.806   -4.394  1.00 29.44 ? 61  ILE A C   1 
ATOM   524 O  O   . ILE A 1 73 ? 9.131   3.272   -3.291  1.00 29.16 ? 61  ILE A O   1 
ATOM   525 C  CB  . ILE A 1 73 ? 7.915   2.853   -6.332  1.00 30.10 ? 61  ILE A CB  1 
ATOM   526 C  CG1 . ILE A 1 73 ? 6.591   2.804   -7.103  1.00 33.14 ? 61  ILE A CG1 1 
ATOM   527 C  CG2 . ILE A 1 73 ? 8.279   1.480   -5.744  1.00 25.83 ? 61  ILE A CG2 1 
ATOM   528 C  CD1 . ILE A 1 73 ? 6.586   1.901   -8.399  1.00 30.34 ? 61  ILE A CD1 1 
ATOM   529 N  N   . SER A 1 74 ? 10.236  4.346   -4.937  1.00 30.92 ? 62  SER A N   1 
ATOM   530 C  CA  . SER A 1 74 ? 11.558  4.221   -4.318  1.00 33.47 ? 62  SER A CA  1 
ATOM   531 C  C   . SER A 1 74 ? 11.699  4.915   -2.962  1.00 34.58 ? 62  SER A C   1 
ATOM   532 O  O   . SER A 1 74 ? 12.649  4.661   -2.232  1.00 36.68 ? 62  SER A O   1 
ATOM   533 C  CB  . SER A 1 74 ? 12.648  4.731   -5.262  1.00 33.47 ? 62  SER A CB  1 
ATOM   534 O  OG  . SER A 1 74 ? 12.511  6.108   -5.469  1.00 32.93 ? 62  SER A OG  1 
ATOM   535 N  N   . LYS A 1 75 ? 10.754  5.789   -2.643  1.00 34.24 ? 63  LYS A N   1 
ATOM   536 C  CA  . LYS A 1 75 ? 10.791  6.601   -1.437  1.00 30.65 ? 63  LYS A CA  1 
ATOM   537 C  C   . LYS A 1 75 ? 9.931   5.976   -0.325  1.00 30.95 ? 63  LYS A C   1 
ATOM   538 O  O   . LYS A 1 75 ? 9.927   6.443   0.808   1.00 33.40 ? 63  LYS A O   1 
ATOM   539 C  CB  . LYS A 1 75 ? 10.268  8.006   -1.769  1.00 29.91 ? 63  LYS A CB  1 
ATOM   540 C  CG  . LYS A 1 75 ? 11.190  8.892   -2.642  1.00 34.06 ? 63  LYS A CG  1 
ATOM   541 C  CD  . LYS A 1 75 ? 10.528  10.258  -2.992  1.00 30.83 ? 63  LYS A CD  1 
ATOM   542 N  N   . ILE A 1 76 ? 9.183   4.940   -0.664  1.00 31.33 ? 64  ILE A N   1 
ATOM   543 C  CA  . ILE A 1 76 ? 8.274   4.251   0.262   1.00 32.14 ? 64  ILE A CA  1 
ATOM   544 C  C   . ILE A 1 76 ? 9.099   3.484   1.290   1.00 34.69 ? 64  ILE A C   1 
ATOM   545 O  O   . ILE A 1 76 ? 9.957   2.673   0.922   1.00 36.71 ? 64  ILE A O   1 
ATOM   546 C  CB  . ILE A 1 76 ? 7.344   3.292   -0.539  1.00 32.99 ? 64  ILE A CB  1 
ATOM   547 C  CG1 . ILE A 1 76 ? 6.247   4.079   -1.259  1.00 25.99 ? 64  ILE A CG1 1 
ATOM   548 C  CG2 . ILE A 1 76 ? 6.706   2.247   0.365   1.00 34.23 ? 64  ILE A CG2 1 
ATOM   549 C  CD1 . ILE A 1 76 ? 5.383   3.262   -2.182  1.00 33.38 ? 64  ILE A CD1 1 
ATOM   550 N  N   . ARG A 1 77 ? 8.843   3.753   2.572   1.00 32.63 ? 65  ARG A N   1 
ATOM   551 C  CA  . ARG A 1 77 ? 9.565   3.139   3.692   1.00 32.85 ? 65  ARG A CA  1 
ATOM   552 C  C   . ARG A 1 77 ? 8.608   2.432   4.622   1.00 29.81 ? 65  ARG A C   1 
ATOM   553 O  O   . ARG A 1 77 ? 8.823   1.300   5.011   1.00 26.84 ? 65  ARG A O   1 
ATOM   554 C  CB  . ARG A 1 77 ? 10.288  4.217   4.511   1.00 34.05 ? 65  ARG A CB  1 
ATOM   555 C  CG  . ARG A 1 77 ? 11.757  4.257   4.339   1.00 40.61 ? 65  ARG A CG  1 
ATOM   556 C  CD  . ARG A 1 77 ? 12.166  3.788   2.984   1.00 50.75 ? 65  ARG A CD  1 
ATOM   557 N  NE  . ARG A 1 77 ? 13.341  4.471   2.476   1.00 57.98 ? 65  ARG A NE  1 
ATOM   558 C  CZ  . ARG A 1 77 ? 13.947  4.123   1.363   1.00 56.27 ? 65  ARG A CZ  1 
ATOM   559 N  NH1 . ARG A 1 77 ? 13.483  3.093   0.660   1.00 55.37 ? 65  ARG A NH1 1 
ATOM   560 N  NH2 . ARG A 1 77 ? 15.019  4.792   0.960   1.00 58.05 ? 65  ARG A NH2 1 
ATOM   561 N  N   . LYS A 1 78 ? 7.555   3.155   4.973   1.00 29.12 ? 66  LYS A N   1 
ATOM   562 C  CA  . LYS A 1 78 ? 6.582   2.728   5.946   1.00 30.50 ? 66  LYS A CA  1 
ATOM   563 C  C   . LYS A 1 78 ? 5.297   2.428   5.234   1.00 30.85 ? 66  LYS A C   1 
ATOM   564 O  O   . LYS A 1 78 ? 5.031   2.998   4.172   1.00 31.32 ? 66  LYS A O   1 
ATOM   565 C  CB  . LYS A 1 78 ? 6.320   3.845   6.927   1.00 28.61 ? 66  LYS A CB  1 
ATOM   566 C  CG  . LYS A 1 78 ? 7.439   4.053   7.841   1.00 31.14 ? 66  LYS A CG  1 
ATOM   567 C  CD  . LYS A 1 78 ? 7.240   5.296   8.624   1.00 27.99 ? 66  LYS A CD  1 
ATOM   568 C  CE  . LYS A 1 78 ? 8.106   5.212   9.831   1.00 33.67 ? 66  LYS A CE  1 
ATOM   569 N  NZ  . LYS A 1 78 ? 7.931   6.405   10.663  1.00 36.06 ? 66  LYS A NZ  1 
ATOM   570 N  N   . VAL A 1 79 ? 4.510   1.526   5.812   1.00 29.49 ? 67  VAL A N   1 
ATOM   571 C  CA  . VAL A 1 79 ? 3.123   1.343   5.398   1.00 29.80 ? 67  VAL A CA  1 
ATOM   572 C  C   . VAL A 1 79 ? 2.403   2.699   5.180   1.00 29.41 ? 67  VAL A C   1 
ATOM   573 O  O   . VAL A 1 79 ? 1.837   2.940   4.127   1.00 32.06 ? 67  VAL A O   1 
ATOM   574 C  CB  . VAL A 1 79 ? 2.374   0.450   6.376   1.00 29.61 ? 67  VAL A CB  1 
ATOM   575 C  CG1 . VAL A 1 79 ? 0.962   0.246   5.892   1.00 33.17 ? 67  VAL A CG1 1 
ATOM   576 C  CG2 . VAL A 1 79 ? 3.041   -0.893  6.457   1.00 29.98 ? 67  VAL A CG2 1 
ATOM   577 N  N   . LYS A 1 80 ? 2.472   3.583   6.169   1.00 27.93 ? 68  LYS A N   1 
ATOM   578 C  CA  . LYS A 1 80 ? 1.880   4.912   6.102   1.00 30.17 ? 68  LYS A CA  1 
ATOM   579 C  C   . LYS A 1 80 ? 2.168   5.587   4.757   1.00 30.43 ? 68  LYS A C   1 
ATOM   580 O  O   . LYS A 1 80 ? 1.325   6.304   4.231   1.00 34.05 ? 68  LYS A O   1 
ATOM   581 C  CB  . LYS A 1 80 ? 2.459   5.763   7.243   1.00 29.19 ? 68  LYS A CB  1 
ATOM   582 C  CG  . LYS A 1 80 ? 1.963   7.188   7.318   1.00 30.18 ? 68  LYS A CG  1 
ATOM   583 C  CD  . LYS A 1 80 ? 2.803   7.977   8.346   1.00 33.45 ? 68  LYS A CD  1 
ATOM   584 N  N   . ASP A 1 81 ? 3.366   5.358   4.211   1.00 29.76 ? 69  ASP A N   1 
ATOM   585 C  CA  . ASP A 1 81 ? 3.828   6.030   2.978   1.00 29.86 ? 69  ASP A CA  1 
ATOM   586 C  C   . ASP A 1 81 ? 3.018   5.565   1.794   1.00 28.75 ? 69  ASP A C   1 
ATOM   587 O  O   . ASP A 1 81 ? 2.683   6.343   0.915   1.00 29.14 ? 69  ASP A O   1 
ATOM   588 C  CB  . ASP A 1 81 ? 5.321   5.746   2.701   1.00 28.65 ? 69  ASP A CB  1 
ATOM   589 C  CG  . ASP A 1 81 ? 6.247   6.363   3.721   1.00 37.14 ? 69  ASP A CG  1 
ATOM   590 O  OD1 . ASP A 1 81 ? 5.905   7.449   4.274   1.00 28.16 ? 69  ASP A OD1 1 
ATOM   591 O  OD2 . ASP A 1 81 ? 7.365   5.850   3.988   1.00 30.59 ? 69  ASP A OD2 1 
ATOM   592 N  N   . LEU A 1 82 ? 2.726   4.275   1.763   1.00 27.94 ? 70  LEU A N   1 
ATOM   593 C  CA  . LEU A 1 82 ? 1.902   3.738   0.685   1.00 30.78 ? 70  LEU A CA  1 
ATOM   594 C  C   . LEU A 1 82 ? 0.436   4.163   0.820   1.00 28.50 ? 70  LEU A C   1 
ATOM   595 O  O   . LEU A 1 82 ? -0.185  4.530   -0.167  1.00 29.20 ? 70  LEU A O   1 
ATOM   596 C  CB  . LEU A 1 82 ? 2.014   2.226   0.628   1.00 28.35 ? 70  LEU A CB  1 
ATOM   597 C  CG  . LEU A 1 82 ? 1.038   1.556   -0.321  1.00 34.04 ? 70  LEU A CG  1 
ATOM   598 C  CD1 . LEU A 1 82 ? 1.354   1.917   -1.755  1.00 29.05 ? 70  LEU A CD1 1 
ATOM   599 C  CD2 . LEU A 1 82 ? 1.139   0.082   -0.121  1.00 37.82 ? 70  LEU A CD2 1 
ATOM   600 N  N   . ILE A 1 83 ? -0.090  4.153   2.043   1.00 27.80 ? 71  ILE A N   1 
ATOM   601 C  CA  . ILE A 1 83 ? -1.458  4.574   2.303   1.00 27.17 ? 71  ILE A CA  1 
ATOM   602 C  C   . ILE A 1 83 ? -1.600  6.031   1.836   1.00 27.38 ? 71  ILE A C   1 
ATOM   603 O  O   . ILE A 1 83 ? -2.552  6.386   1.154   1.00 27.34 ? 71  ILE A O   1 
ATOM   604 C  CB  . ILE A 1 83 ? -1.799  4.445   3.823   1.00 27.43 ? 71  ILE A CB  1 
ATOM   605 C  CG1 . ILE A 1 83 ? -1.652  3.000   4.356   1.00 26.16 ? 71  ILE A CG1 1 
ATOM   606 C  CG2 . ILE A 1 83 ? -3.190  5.020   4.142   1.00 30.22 ? 71  ILE A CG2 1 
ATOM   607 C  CD1 . ILE A 1 83 ? -2.245  1.887   3.453   1.00 40.18 ? 71  ILE A CD1 1 
ATOM   608 N  N   . ASP A 1 84 ? -0.616  6.846   2.176   1.00 27.78 ? 72  ASP A N   1 
ATOM   609 C  CA  . ASP A 1 84 ? -0.632  8.263   1.855   1.00 30.27 ? 72  ASP A CA  1 
ATOM   610 C  C   . ASP A 1 84 ? -0.600  8.513   0.355   1.00 28.69 ? 72  ASP A C   1 
ATOM   611 O  O   . ASP A 1 84 ? -1.327  9.344   -0.151  1.00 28.82 ? 72  ASP A O   1 
ATOM   612 C  CB  . ASP A 1 84 ? 0.563   8.954   2.488   1.00 30.62 ? 72  ASP A CB  1 
ATOM   613 C  CG  . ASP A 1 84 ? 0.351   9.293   3.963   1.00 40.67 ? 72  ASP A CG  1 
ATOM   614 O  OD1 . ASP A 1 84 ? -0.779  9.135   4.502   1.00 41.39 ? 72  ASP A OD1 1 
ATOM   615 O  OD2 . ASP A 1 84 ? 1.293   9.734   4.665   1.00 47.38 ? 72  ASP A OD2 1 
ATOM   616 N  N   . ILE A 1 85 ? 0.260   7.792   -0.345  1.00 31.08 ? 73  ILE A N   1 
ATOM   617 C  CA  . ILE A 1 85 ? 0.363   7.920   -1.777  1.00 31.69 ? 73  ILE A CA  1 
ATOM   618 C  C   . ILE A 1 85 ? -0.959  7.569   -2.436  1.00 30.62 ? 73  ILE A C   1 
ATOM   619 O  O   . ILE A 1 85 ? -1.445  8.330   -3.246  1.00 32.21 ? 73  ILE A O   1 
ATOM   620 C  CB  . ILE A 1 85 ? 1.526   7.066   -2.304  1.00 33.74 ? 73  ILE A CB  1 
ATOM   621 C  CG1 . ILE A 1 85 ? 2.836   7.823   -2.076  1.00 38.04 ? 73  ILE A CG1 1 
ATOM   622 C  CG2 . ILE A 1 85 ? 1.371   6.782   -3.794  1.00 34.68 ? 73  ILE A CG2 1 
ATOM   623 C  CD1 . ILE A 1 85 ? 4.051   6.940   -1.945  1.00 41.27 ? 73  ILE A CD1 1 
ATOM   624 N  N   . VAL A 1 86 ? -1.529  6.422   -2.089  1.00 29.75 ? 74  VAL A N   1 
ATOM   625 C  CA  . VAL A 1 86 ? -2.826  5.967   -2.619  1.00 28.18 ? 74  VAL A CA  1 
ATOM   626 C  C   . VAL A 1 86 ? -3.959  6.973   -2.385  1.00 27.70 ? 74  VAL A C   1 
ATOM   627 O  O   . VAL A 1 86 ? -4.630  7.362   -3.332  1.00 29.03 ? 74  VAL A O   1 
ATOM   628 C  CB  . VAL A 1 86 ? -3.187  4.558   -2.092  1.00 29.33 ? 74  VAL A CB  1 
ATOM   629 C  CG1 . VAL A 1 86 ? -4.617  4.165   -2.472  1.00 25.76 ? 74  VAL A CG1 1 
ATOM   630 C  CG2 . VAL A 1 86 ? -2.186  3.528   -2.641  1.00 22.87 ? 74  VAL A CG2 1 
ATOM   631 N  N   . ILE A 1 87 ? -4.146  7.433   -1.146  1.00 28.71 ? 75  ILE A N   1 
ATOM   632 C  CA  . ILE A 1 87 ? -5.086  8.545   -0.888  1.00 27.77 ? 75  ILE A CA  1 
ATOM   633 C  C   . ILE A 1 87 ? -4.863  9.750   -1.794  1.00 29.32 ? 75  ILE A C   1 
ATOM   634 O  O   . ILE A 1 87 ? -5.824  10.286  -2.357  1.00 28.78 ? 75  ILE A O   1 
ATOM   635 C  CB  . ILE A 1 87 ? -5.063  8.970   0.604   1.00 26.24 ? 75  ILE A CB  1 
ATOM   636 C  CG1 . ILE A 1 87 ? -5.701  7.887   1.468   1.00 23.32 ? 75  ILE A CG1 1 
ATOM   637 C  CG2 . ILE A 1 87 ? -5.808  10.274  0.800   1.00 28.45 ? 75  ILE A CG2 1 
ATOM   638 C  CD1 . ILE A 1 87 ? -5.271  7.900   2.936   1.00 33.04 ? 75  ILE A CD1 1 
ATOM   639 N  N   . LYS A 1 88 ? -3.602  10.179  -1.928  1.00 29.85 ? 76  LYS A N   1 
ATOM   640 C  CA  . LYS A 1 88 ? -3.243  11.304  -2.775  1.00 28.07 ? 76  LYS A CA  1 
ATOM   641 C  C   . LYS A 1 88 ? -3.633  11.047  -4.220  1.00 29.28 ? 76  LYS A C   1 
ATOM   642 O  O   . LYS A 1 88 ? -4.201  11.927  -4.857  1.00 28.88 ? 76  LYS A O   1 
ATOM   643 C  CB  . LYS A 1 88 ? -1.748  11.641  -2.684  1.00 27.71 ? 76  LYS A CB  1 
ATOM   644 C  CG  . LYS A 1 88 ? -1.364  12.975  -3.308  1.00 32.67 ? 76  LYS A CG  1 
ATOM   645 C  CD  . LYS A 1 88 ? 0.156   13.138  -3.456  1.00 32.53 ? 76  LYS A CD  1 
ATOM   646 N  N   . LYS A 1 89 ? -3.340  9.861   -4.744  1.00 29.01 ? 77  LYS A N   1 
ATOM   647 C  CA  . LYS A 1 89 ? -3.691  9.554   -6.135  1.00 31.28 ? 77  LYS A CA  1 
ATOM   648 C  C   . LYS A 1 89 ? -5.207  9.456   -6.324  1.00 32.40 ? 77  LYS A C   1 
ATOM   649 O  O   . LYS A 1 89 ? -5.733  9.812   -7.383  1.00 34.71 ? 77  LYS A O   1 
ATOM   650 C  CB  . LYS A 1 89 ? -3.016  8.272   -6.660  1.00 29.09 ? 77  LYS A CB  1 
ATOM   651 C  CG  . LYS A 1 89 ? -1.503  8.235   -6.613  1.00 28.59 ? 77  LYS A CG  1 
ATOM   652 C  CD  . LYS A 1 89 ? -0.838  9.369   -7.295  1.00 26.95 ? 77  LYS A CD  1 
ATOM   653 C  CE  . LYS A 1 89 ? 0.663   9.124   -7.361  1.00 29.30 ? 77  LYS A CE  1 
ATOM   654 N  NZ  . LYS A 1 89 ? 1.272   9.677   -8.606  1.00 33.08 ? 77  LYS A NZ  1 
ATOM   655 N  N   . LEU A 1 90 ? -5.901  8.959   -5.313  1.00 32.43 ? 78  LEU A N   1 
ATOM   656 C  CA  . LEU A 1 90 ? -7.348  8.855   -5.381  1.00 33.61 ? 78  LEU A CA  1 
ATOM   657 C  C   . LEU A 1 90 ? -7.982  10.244  -5.322  1.00 35.98 ? 78  LEU A C   1 
ATOM   658 O  O   . LEU A 1 90 ? -8.915  10.533  -6.069  1.00 34.91 ? 78  LEU A O   1 
ATOM   659 C  CB  . LEU A 1 90 ? -7.896  7.936   -4.285  1.00 32.54 ? 78  LEU A CB  1 
ATOM   660 C  CG  . LEU A 1 90 ? -7.742  6.423   -4.458  1.00 30.82 ? 78  LEU A CG  1 
ATOM   661 C  CD1 . LEU A 1 90 ? -8.215  5.697   -3.223  1.00 33.17 ? 78  LEU A CD1 1 
ATOM   662 C  CD2 . LEU A 1 90 ? -8.476  5.922   -5.669  1.00 32.12 ? 78  LEU A CD2 1 
ATOM   663 N  N   . GLU A 1 91 ? -7.446  11.115  -4.467  1.00 38.77 ? 79  GLU A N   1 
ATOM   664 C  CA  . GLU A 1 91 ? -7.939  12.471  -4.368  1.00 40.52 ? 79  GLU A CA  1 
ATOM   665 C  C   . GLU A 1 91 ? -7.794  13.150  -5.718  1.00 41.38 ? 79  GLU A C   1 
ATOM   666 O  O   . GLU A 1 91 ? -8.745  13.736  -6.211  1.00 42.81 ? 79  GLU A O   1 
ATOM   667 C  CB  . GLU A 1 91 ? -7.216  13.256  -3.276  1.00 39.61 ? 79  GLU A CB  1 
ATOM   668 C  CG  . GLU A 1 91 ? -7.692  12.941  -1.861  1.00 44.29 ? 79  GLU A CG  1 
ATOM   669 C  CD  . GLU A 1 91 ? -6.871  13.629  -0.758  1.00 46.53 ? 79  GLU A CD  1 
ATOM   670 O  OE1 . GLU A 1 91 ? -5.854  14.311  -1.071  1.00 60.51 ? 79  GLU A OE1 1 
ATOM   671 O  OE2 . GLU A 1 91 ? -7.245  13.488  0.436   1.00 50.42 ? 79  GLU A OE2 1 
ATOM   672 N  N   . GLU A 1 92 ? -6.621  13.049  -6.332  1.00 41.86 ? 80  GLU A N   1 
ATOM   673 C  CA  . GLU A 1 92 ? -6.419  13.639  -7.649  1.00 44.17 ? 80  GLU A CA  1 
ATOM   674 C  C   . GLU A 1 92 ? -7.467  13.152  -8.638  1.00 45.62 ? 80  GLU A C   1 
ATOM   675 O  O   . GLU A 1 92 ? -8.203  13.967  -9.187  1.00 47.18 ? 80  GLU A O   1 
ATOM   676 C  CB  . GLU A 1 92 ? -5.026  13.347  -8.189  1.00 44.26 ? 80  GLU A CB  1 
ATOM   677 C  CG  . GLU A 1 92 ? -3.907  14.083  -7.479  1.00 47.19 ? 80  GLU A CG  1 
ATOM   678 C  CD  . GLU A 1 92 ? -2.561  13.410  -7.678  1.00 54.25 ? 80  GLU A CD  1 
ATOM   679 O  OE1 . GLU A 1 92 ? -2.440  12.564  -8.602  1.00 54.81 ? 80  GLU A OE1 1 
ATOM   680 O  OE2 . GLU A 1 92 ? -1.622  13.716  -6.906  1.00 57.29 ? 80  GLU A OE2 1 
ATOM   681 N  N   . ILE A 1 93 ? -7.540  11.837  -8.852  1.00 46.95 ? 81  ILE A N   1 
ATOM   682 C  CA  . ILE A 1 93 ? -8.488  11.250  -9.803  1.00 49.43 ? 81  ILE A CA  1 
ATOM   683 C  C   . ILE A 1 93 ? -9.896  11.503  -9.285  1.00 52.31 ? 81  ILE A C   1 
ATOM   684 O  O   . ILE A 1 93 ? -10.544 10.592  -8.785  1.00 54.68 ? 81  ILE A O   1 
ATOM   685 C  CB  . ILE A 1 93 ? -8.218  9.725   -10.009 1.00 46.55 ? 81  ILE A CB  1 
ATOM   686 N  N   . ASP A 1 94 ? -10.346 12.755  -9.386  1.00 54.78 ? 82  ASP A N   1 
ATOM   687 C  CA  . ASP A 1 94 ? -11.611 13.208  -8.792  1.00 57.60 ? 82  ASP A CA  1 
ATOM   688 C  C   . ASP A 1 94 ? -12.086 14.535  -9.415  1.00 58.38 ? 82  ASP A C   1 
ATOM   689 O  O   . ASP A 1 94 ? -11.329 15.514  -9.504  1.00 59.30 ? 82  ASP A O   1 
ATOM   690 C  CB  . ASP A 1 94 ? -11.460 13.368  -7.274  1.00 57.94 ? 82  ASP A CB  1 
ATOM   691 C  CG  . ASP A 1 94 ? -12.418 12.483  -6.483  1.00 62.51 ? 82  ASP A CG  1 
ATOM   692 O  OD1 . ASP A 1 94 ? -12.504 11.244  -6.639  1.00 60.00 ? 82  ASP A OD1 1 
ATOM   693 O  OD2 . ASP A 1 94 ? -13.161 13.019  -5.631  1.00 69.29 ? 82  ASP A OD2 1 
HETATM 694 O  O   . HOH B 2 .  ? 9.601   7.606   3.196   1.00 21.31 ? 89  HOH A O   1 
HETATM 695 O  O   . HOH B 2 .  ? -12.933 8.736   9.220   1.00 21.33 ? 90  HOH A O   1 
HETATM 696 O  O   . HOH B 2 .  ? 10.887  -0.175  4.629   1.00 21.07 ? 91  HOH A O   1 
HETATM 697 O  O   . HOH B 2 .  ? -1.807  -10.527 5.131   1.00 23.82 ? 92  HOH A O   1 
HETATM 698 O  O   . HOH B 2 .  ? -7.759  -1.939  8.801   1.00 22.35 ? 93  HOH A O   1 
HETATM 699 O  O   . HOH B 2 .  ? 6.812   -10.143 -4.614  1.00 26.91 ? 94  HOH A O   1 
HETATM 700 O  O   . HOH B 2 .  ? -7.862  -7.464  5.281   1.00 27.37 ? 95  HOH A O   1 
HETATM 701 O  O   . HOH B 2 .  ? 11.074  -0.748  -4.290  1.00 27.52 ? 96  HOH A O   1 
HETATM 702 O  O   . HOH B 2 .  ? -7.713  -6.485  8.012   1.00 31.29 ? 97  HOH A O   1 
HETATM 703 O  O   . HOH B 2 .  ? 7.714   7.518   6.343   1.00 33.56 ? 98  HOH A O   1 
HETATM 704 O  O   . HOH B 2 .  ? -2.990  7.964   -11.135 1.00 31.62 ? 99  HOH A O   1 
HETATM 705 O  O   . HOH B 2 .  ? -3.321  -11.795 7.421   1.00 31.41 ? 100 HOH A O   1 
HETATM 706 O  O   . HOH B 2 .  ? -2.292  1.684   12.273  1.00 32.67 ? 101 HOH A O   1 
HETATM 707 O  O   . HOH B 2 .  ? 12.093  0.960   -6.099  1.00 31.56 ? 102 HOH A O   1 
HETATM 708 O  O   . HOH B 2 .  ? -6.326  -4.142  8.664   1.00 34.17 ? 103 HOH A O   1 
HETATM 709 O  O   . HOH B 2 .  ? -2.015  11.484  1.244   1.00 36.06 ? 104 HOH A O   1 
HETATM 710 O  O   . HOH B 2 .  ? -8.049  -0.710  -13.071 1.00 34.55 ? 105 HOH A O   1 
HETATM 711 O  O   . HOH B 2 .  ? -16.318 5.646   3.811   1.00 35.37 ? 106 HOH A O   1 
HETATM 712 O  O   . HOH B 2 .  ? 6.863   8.363   -2.236  1.00 38.00 ? 107 HOH A O   1 
HETATM 713 O  O   . HOH B 2 .  ? -6.840  -8.965  -3.411  1.00 38.37 ? 108 HOH A O   1 
HETATM 714 O  O   . HOH B 2 .  ? -4.423  -4.625  10.563  1.00 38.65 ? 109 HOH A O   1 
HETATM 715 O  O   . HOH B 2 .  ? 1.440   -18.518 2.085   1.00 38.19 ? 110 HOH A O   1 
HETATM 716 O  O   . HOH B 2 .  ? 9.502   8.500   -11.628 1.00 37.55 ? 111 HOH A O   1 
HETATM 717 O  O   . HOH B 2 .  ? -6.096  10.278  5.911   1.00 39.42 ? 112 HOH A O   1 
HETATM 718 O  O   . HOH B 2 .  ? 13.840  -11.320 -3.692  1.00 39.99 ? 113 HOH A O   1 
HETATM 719 O  O   . HOH B 2 .  ? -4.110  10.082  -9.654  1.00 38.65 ? 114 HOH A O   1 
HETATM 720 O  O   . HOH B 2 .  ? 0.779   12.880  -7.752  1.00 39.23 ? 115 HOH A O   1 
HETATM 721 O  O   . HOH B 2 .  ? -1.359  -16.735 3.097   1.00 39.10 ? 116 HOH A O   1 
HETATM 722 O  O   . HOH B 2 .  ? -3.585  -7.163  -10.594 1.00 39.38 ? 117 HOH A O   1 
HETATM 723 O  O   . HOH B 2 .  ? 4.053   8.795   0.946   1.00 42.11 ? 118 HOH A O   1 
HETATM 724 O  O   . HOH B 2 .  ? 7.632   6.817   -13.342 1.00 42.97 ? 119 HOH A O   1 
HETATM 725 O  O   . HOH B 2 .  ? 11.060  0.839   -1.905  1.00 41.88 ? 120 HOH A O   1 
HETATM 726 O  O   . HOH B 2 .  ? 8.636   2.630   12.140  1.00 43.03 ? 121 HOH A O   1 
HETATM 727 O  O   . HOH B 2 .  ? 13.596  0.818   6.382   1.00 39.77 ? 122 HOH A O   1 
HETATM 728 O  O   . HOH B 2 .  ? -6.779  13.036  3.105   1.00 42.32 ? 123 HOH A O   1 
HETATM 729 O  O   . HOH B 2 .  ? 10.897  -10.723 -3.174  1.00 41.47 ? 124 HOH A O   1 
HETATM 730 O  O   . HOH B 2 .  ? 11.537  1.768   -8.705  1.00 40.99 ? 125 HOH A O   1 
HETATM 731 O  O   . HOH B 2 .  ? 9.957   4.922   -15.424 1.00 42.18 ? 126 HOH A O   1 
HETATM 732 O  O   . HOH B 2 .  ? -1.989  -15.724 5.256   1.00 43.95 ? 127 HOH A O   1 
HETATM 733 O  O   . HOH B 2 .  ? 11.938  -2.632  1.706   1.00 44.08 ? 128 HOH A O   1 
HETATM 734 O  O   . HOH B 2 .  ? 6.799   8.017   0.265   1.00 45.06 ? 129 HOH A O   1 
HETATM 735 O  O   . HOH B 2 .  ? -3.264  -15.825 11.956  1.00 42.17 ? 130 HOH A O   1 
HETATM 736 O  O   . HOH B 2 .  ? -7.564  -10.461 4.030   1.00 45.41 ? 131 HOH A O   1 
HETATM 737 O  O   . HOH B 2 .  ? 12.885  -1.265  9.206   1.00 49.03 ? 132 HOH A O   1 
HETATM 738 O  O   . HOH B 2 .  ? 13.407  -4.030  10.468  1.00 44.58 ? 133 HOH A O   1 
# 
